data_4GYO
#
_entry.id   4GYO
#
_cell.length_a   86.725
_cell.length_b   86.725
_cell.length_c   225.805
_cell.angle_alpha   90.00
_cell.angle_beta   90.00
_cell.angle_gamma   90.00
#
_symmetry.space_group_name_H-M   'P 43 21 2'
#
loop_
_entity.id
_entity.type
_entity.pdbx_description
1 polymer 'Response regulator aspartate phosphatase J'
2 polymer 'CSF peptide'
3 non-polymer 'CHLORIDE ION'
4 water water
#
loop_
_entity_poly.entity_id
_entity_poly.type
_entity_poly.pdbx_seq_one_letter_code
_entity_poly.pdbx_strand_id
1 'polypeptide(L)'
;MRAKIPSEEVAVKLNEWYKLIRAFEADQAEALKQEIEYDLEDMEENQDLLLYFSLMEFRHRIMLDKLMPVKDSDTKPPFS
DMLNEIESNQQKLTGLLEYYFYYFRGMYEFKQKNFILAIDHYKHAEEKLEYVEDEIEKAEFLFKVAEVYYHIKQTYFSMN
YASQALDIYTKYELYGRRRVQCEFIIAGNLTDVYHHEKALTHLCSALEHARQLEEAYMIAAAYYNVGHCKYSLGDYKEAE
GYFKTAAAIFEEHNFQQAVQAVFSLTHIYCKEGKYDKAVEAYDRGIKSAAEWEDDMYLTKFRLIHELYLGSGDLNVLTEC
FDLLESRQLLADAEDLLHDTAERFNQLEHYESAAFFYRRLMNIKKKLAEQRFQ
;
A,B
2 'polypeptide(L)' ERGMT C,D
#
loop_
_chem_comp.id
_chem_comp.type
_chem_comp.name
_chem_comp.formula
CL non-polymer 'CHLORIDE ION' 'Cl -1'
#
# COMPACT_ATOMS: atom_id res chain seq x y z
N PRO A 6 -34.29 -16.64 -28.38
CA PRO A 6 -33.07 -16.25 -27.68
C PRO A 6 -33.35 -15.87 -26.22
N SER A 7 -34.56 -15.40 -25.95
CA SER A 7 -34.94 -15.00 -24.60
C SER A 7 -34.99 -16.20 -23.65
N GLU A 8 -35.21 -17.38 -24.22
CA GLU A 8 -35.27 -18.61 -23.44
C GLU A 8 -33.88 -19.20 -23.27
N GLU A 9 -32.98 -18.87 -24.18
CA GLU A 9 -31.62 -19.40 -24.16
C GLU A 9 -30.69 -18.56 -23.28
N VAL A 10 -30.97 -17.26 -23.21
CA VAL A 10 -30.18 -16.37 -22.37
C VAL A 10 -30.48 -16.64 -20.90
N ALA A 11 -31.71 -17.07 -20.62
CA ALA A 11 -32.11 -17.46 -19.28
C ALA A 11 -31.31 -18.69 -18.83
N VAL A 12 -31.02 -19.55 -19.79
CA VAL A 12 -30.16 -20.71 -19.54
C VAL A 12 -28.75 -20.26 -19.20
N LYS A 13 -28.25 -19.29 -19.95
CA LYS A 13 -26.93 -18.72 -19.71
C LYS A 13 -26.87 -18.02 -18.35
N LEU A 14 -27.95 -17.33 -18.01
CA LEU A 14 -28.04 -16.63 -16.73
C LEU A 14 -27.96 -17.61 -15.57
N ASN A 15 -28.57 -18.78 -15.73
CA ASN A 15 -28.53 -19.80 -14.70
C ASN A 15 -27.17 -20.47 -14.62
N GLU A 16 -26.51 -20.62 -15.77
CA GLU A 16 -25.16 -21.15 -15.81
C GLU A 16 -24.20 -20.17 -15.15
N TRP A 17 -24.45 -18.89 -15.38
CA TRP A 17 -23.67 -17.82 -14.74
C TRP A 17 -23.81 -17.90 -13.23
N TYR A 18 -25.04 -18.11 -12.76
CA TYR A 18 -25.32 -18.23 -11.33
C TYR A 18 -24.53 -19.41 -10.73
N LYS A 19 -24.48 -20.51 -11.45
CA LYS A 19 -23.75 -21.69 -11.01
C LYS A 19 -22.27 -21.38 -10.81
N LEU A 20 -21.68 -20.67 -11.76
CA LEU A 20 -20.28 -20.29 -11.68
C LEU A 20 -20.02 -19.35 -10.51
N ILE A 21 -20.98 -18.47 -10.23
CA ILE A 21 -20.87 -17.53 -9.12
C ILE A 21 -20.82 -18.27 -7.78
N ARG A 22 -21.73 -19.23 -7.62
CA ARG A 22 -21.79 -20.00 -6.37
C ARG A 22 -20.54 -20.86 -6.18
N ALA A 23 -19.91 -21.23 -7.29
CA ALA A 23 -18.71 -22.05 -7.23
C ALA A 23 -17.43 -21.21 -7.13
N PHE A 24 -17.61 -19.91 -6.98
CA PHE A 24 -16.49 -18.97 -6.86
C PHE A 24 -15.54 -19.03 -8.05
N GLU A 25 -16.10 -19.30 -9.23
CA GLU A 25 -15.32 -19.35 -10.46
C GLU A 25 -15.32 -17.98 -11.12
N ALA A 26 -14.52 -17.07 -10.58
CA ALA A 26 -14.51 -15.67 -10.99
C ALA A 26 -14.20 -15.47 -12.48
N ASP A 27 -13.17 -16.14 -12.97
CA ASP A 27 -12.72 -15.99 -14.35
C ASP A 27 -13.78 -16.44 -15.36
N GLN A 28 -14.39 -17.60 -15.10
CA GLN A 28 -15.43 -18.12 -15.98
C GLN A 28 -16.71 -17.30 -15.87
N ALA A 29 -17.05 -16.91 -14.65
CA ALA A 29 -18.24 -16.10 -14.43
C ALA A 29 -18.13 -14.75 -15.13
N GLU A 30 -16.94 -14.14 -15.05
CA GLU A 30 -16.70 -12.85 -15.68
C GLU A 30 -16.84 -12.93 -17.19
N ALA A 31 -16.30 -14.01 -17.77
CA ALA A 31 -16.38 -14.22 -19.21
C ALA A 31 -17.82 -14.43 -19.66
N LEU A 32 -18.60 -15.13 -18.85
CA LEU A 32 -20.00 -15.38 -19.18
C LEU A 32 -20.83 -14.12 -18.93
N LYS A 33 -20.46 -13.36 -17.91
CA LYS A 33 -21.11 -12.08 -17.63
C LYS A 33 -20.98 -11.13 -18.82
N GLN A 34 -19.75 -11.00 -19.31
CA GLN A 34 -19.46 -10.12 -20.45
C GLN A 34 -20.19 -10.58 -21.70
N GLU A 35 -20.31 -11.89 -21.87
CA GLU A 35 -20.99 -12.45 -23.03
C GLU A 35 -22.49 -12.19 -22.99
N ILE A 36 -23.10 -12.43 -21.84
CA ILE A 36 -24.54 -12.22 -21.67
C ILE A 36 -24.89 -10.74 -21.83
N GLU A 37 -24.13 -9.88 -21.15
CA GLU A 37 -24.37 -8.44 -21.21
C GLU A 37 -24.19 -7.91 -22.63
N TYR A 38 -23.27 -8.53 -23.37
CA TYR A 38 -23.01 -8.17 -24.76
C TYR A 38 -24.18 -8.57 -25.65
N ASP A 39 -24.75 -9.74 -25.36
CA ASP A 39 -25.84 -10.26 -26.17
C ASP A 39 -27.17 -9.58 -25.86
N LEU A 40 -27.32 -9.09 -24.63
CA LEU A 40 -28.53 -8.39 -24.23
C LEU A 40 -28.66 -7.05 -24.95
N GLU A 41 -27.52 -6.48 -25.34
CA GLU A 41 -27.50 -5.23 -26.08
C GLU A 41 -27.98 -5.42 -27.51
N ASP A 42 -27.95 -6.67 -27.98
CA ASP A 42 -28.41 -7.01 -29.32
C ASP A 42 -29.75 -7.74 -29.27
N MET A 43 -30.60 -7.34 -28.33
CA MET A 43 -31.91 -7.96 -28.16
C MET A 43 -33.00 -6.92 -27.89
N GLU A 44 -34.25 -7.33 -28.06
CA GLU A 44 -35.38 -6.46 -27.72
C GLU A 44 -35.45 -6.26 -26.22
N GLU A 45 -36.13 -5.20 -25.80
CA GLU A 45 -36.24 -4.88 -24.38
C GLU A 45 -37.15 -5.86 -23.64
N ASN A 46 -36.55 -6.77 -22.89
CA ASN A 46 -37.30 -7.69 -22.06
C ASN A 46 -37.13 -7.32 -20.59
N GLN A 47 -38.22 -6.93 -19.96
CA GLN A 47 -38.17 -6.37 -18.61
C GLN A 47 -37.66 -7.37 -17.58
N ASP A 48 -38.42 -8.45 -17.36
CA ASP A 48 -38.07 -9.46 -16.37
C ASP A 48 -36.68 -10.06 -16.61
N LEU A 49 -36.29 -10.11 -17.89
CA LEU A 49 -34.99 -10.62 -18.27
C LEU A 49 -33.89 -9.66 -17.85
N LEU A 50 -34.16 -8.36 -17.97
CA LEU A 50 -33.21 -7.33 -17.58
C LEU A 50 -33.06 -7.25 -16.07
N LEU A 51 -34.15 -7.51 -15.36
CA LEU A 51 -34.12 -7.53 -13.91
C LEU A 51 -33.39 -8.77 -13.43
N TYR A 52 -33.56 -9.86 -14.18
CA TYR A 52 -32.84 -11.11 -13.93
C TYR A 52 -31.34 -10.84 -13.99
N PHE A 53 -30.91 -10.14 -15.04
CA PHE A 53 -29.50 -9.81 -15.21
C PHE A 53 -28.96 -8.93 -14.09
N SER A 54 -29.70 -7.87 -13.75
CA SER A 54 -29.28 -6.93 -12.72
C SER A 54 -29.09 -7.60 -11.37
N LEU A 55 -29.99 -8.52 -11.03
CA LEU A 55 -29.89 -9.28 -9.79
C LEU A 55 -28.64 -10.15 -9.78
N MET A 56 -28.35 -10.77 -10.92
CA MET A 56 -27.22 -11.68 -11.02
C MET A 56 -25.90 -10.92 -11.06
N GLU A 57 -25.90 -9.75 -11.67
CA GLU A 57 -24.72 -8.90 -11.69
C GLU A 57 -24.39 -8.46 -10.27
N PHE A 58 -25.43 -8.19 -9.49
CA PHE A 58 -25.28 -7.83 -8.09
C PHE A 58 -24.65 -8.98 -7.31
N ARG A 59 -25.17 -10.19 -7.52
CA ARG A 59 -24.64 -11.38 -6.87
C ARG A 59 -23.21 -11.64 -7.31
N HIS A 60 -22.92 -11.32 -8.57
CA HIS A 60 -21.59 -11.47 -9.14
C HIS A 60 -20.57 -10.56 -8.45
N ARG A 61 -20.97 -9.31 -8.21
CA ARG A 61 -20.09 -8.35 -7.57
C ARG A 61 -19.79 -8.73 -6.13
N ILE A 62 -20.77 -9.34 -5.46
CA ILE A 62 -20.58 -9.83 -4.11
C ILE A 62 -19.48 -10.89 -4.08
N MET A 63 -19.55 -11.81 -5.03
CA MET A 63 -18.55 -12.88 -5.14
C MET A 63 -17.16 -12.31 -5.45
N LEU A 64 -17.11 -11.33 -6.34
CA LEU A 64 -15.83 -10.71 -6.73
C LEU A 64 -15.18 -10.00 -5.54
N ASP A 65 -15.97 -9.28 -4.76
CA ASP A 65 -15.45 -8.54 -3.62
C ASP A 65 -14.96 -9.48 -2.52
N LYS A 66 -15.59 -10.65 -2.42
CA LYS A 66 -15.17 -11.64 -1.44
C LYS A 66 -13.80 -12.21 -1.80
N LEU A 67 -13.57 -12.46 -3.08
CA LEU A 67 -12.31 -13.01 -3.54
C LEU A 67 -11.23 -11.94 -3.67
N MET A 68 -11.64 -10.74 -4.08
CA MET A 68 -10.70 -9.65 -4.31
C MET A 68 -11.26 -8.31 -3.80
N PRO A 69 -11.20 -8.11 -2.48
CA PRO A 69 -11.75 -6.89 -1.87
C PRO A 69 -10.95 -5.64 -2.19
N VAL A 70 -11.63 -4.50 -2.25
CA VAL A 70 -10.97 -3.23 -2.48
C VAL A 70 -11.18 -2.28 -1.32
N LYS A 71 -10.19 -1.43 -1.05
CA LYS A 71 -10.24 -0.52 0.08
C LYS A 71 -11.02 0.75 -0.25
N PRO A 78 -20.23 1.37 -5.66
CA PRO A 78 -21.24 1.12 -6.69
C PRO A 78 -22.25 0.08 -6.23
N PHE A 79 -22.06 -0.49 -5.04
CA PHE A 79 -22.97 -1.49 -4.50
C PHE A 79 -24.35 -0.91 -4.19
N SER A 80 -24.37 0.19 -3.47
CA SER A 80 -25.62 0.84 -3.10
C SER A 80 -26.32 1.41 -4.32
N ASP A 81 -25.54 1.80 -5.32
CA ASP A 81 -26.08 2.36 -6.56
C ASP A 81 -26.87 1.34 -7.35
N MET A 82 -26.31 0.14 -7.49
CA MET A 82 -26.99 -0.94 -8.21
C MET A 82 -28.04 -1.60 -7.34
N LEU A 83 -27.95 -1.39 -6.03
CA LEU A 83 -28.96 -1.88 -5.09
C LEU A 83 -30.23 -1.05 -5.22
N ASN A 84 -30.07 0.26 -5.36
CA ASN A 84 -31.21 1.17 -5.50
C ASN A 84 -31.98 0.93 -6.79
N GLU A 85 -31.25 0.58 -7.85
CA GLU A 85 -31.86 0.27 -9.13
C GLU A 85 -32.70 -0.99 -9.03
N ILE A 86 -32.21 -1.98 -8.30
CA ILE A 86 -32.93 -3.22 -8.06
C ILE A 86 -34.16 -2.97 -7.19
N GLU A 87 -33.98 -2.23 -6.11
CA GLU A 87 -35.08 -1.94 -5.18
C GLU A 87 -36.13 -1.01 -5.78
N SER A 88 -35.78 -0.34 -6.88
CA SER A 88 -36.73 0.54 -7.56
C SER A 88 -37.70 -0.26 -8.41
N ASN A 89 -37.46 -1.56 -8.53
CA ASN A 89 -38.31 -2.45 -9.31
C ASN A 89 -38.97 -3.52 -8.46
N LEU A 93 -42.17 -8.42 -9.91
CA LEU A 93 -41.33 -9.53 -9.46
C LEU A 93 -42.14 -10.59 -8.74
N THR A 94 -41.87 -11.86 -9.06
CA THR A 94 -42.56 -12.98 -8.44
C THR A 94 -41.77 -14.26 -8.64
N GLY A 95 -42.08 -15.27 -7.82
CA GLY A 95 -41.45 -16.58 -7.95
C GLY A 95 -39.95 -16.56 -7.71
N LEU A 96 -39.21 -16.98 -8.72
CA LEU A 96 -37.76 -17.12 -8.62
C LEU A 96 -37.05 -15.78 -8.43
N LEU A 97 -37.47 -14.77 -9.18
CA LEU A 97 -36.86 -13.45 -9.11
C LEU A 97 -37.11 -12.77 -7.77
N GLU A 98 -38.25 -13.06 -7.16
CA GLU A 98 -38.56 -12.52 -5.84
C GLU A 98 -37.67 -13.17 -4.79
N TYR A 99 -37.39 -14.46 -4.99
CA TYR A 99 -36.48 -15.19 -4.12
C TYR A 99 -35.08 -14.59 -4.18
N TYR A 100 -34.59 -14.37 -5.40
CA TYR A 100 -33.28 -13.74 -5.61
C TYR A 100 -33.24 -12.36 -4.99
N PHE A 101 -34.34 -11.63 -5.11
CA PHE A 101 -34.44 -10.26 -4.60
C PHE A 101 -34.18 -10.18 -3.10
N TYR A 102 -34.84 -11.03 -2.32
CA TYR A 102 -34.66 -11.04 -0.88
C TYR A 102 -33.36 -11.70 -0.46
N TYR A 103 -32.98 -12.76 -1.15
CA TYR A 103 -31.78 -13.53 -0.80
C TYR A 103 -30.52 -12.70 -1.01
N PHE A 104 -30.38 -12.12 -2.21
CA PHE A 104 -29.18 -11.37 -2.56
C PHE A 104 -29.03 -10.10 -1.73
N ARG A 105 -30.17 -9.46 -1.42
CA ARG A 105 -30.16 -8.28 -0.56
C ARG A 105 -29.83 -8.67 0.88
N GLY A 106 -30.20 -9.89 1.25
CA GLY A 106 -29.86 -10.42 2.57
C GLY A 106 -28.36 -10.65 2.68
N MET A 107 -27.76 -11.14 1.60
CA MET A 107 -26.31 -11.33 1.52
C MET A 107 -25.59 -10.00 1.68
N TYR A 108 -26.12 -8.97 1.04
CA TYR A 108 -25.51 -7.65 1.07
C TYR A 108 -25.58 -7.04 2.46
N GLU A 109 -26.74 -7.16 3.10
CA GLU A 109 -26.93 -6.61 4.44
C GLU A 109 -26.04 -7.30 5.47
N PHE A 110 -25.80 -8.59 5.30
CA PHE A 110 -24.87 -9.30 6.17
C PHE A 110 -23.47 -8.75 6.00
N LYS A 111 -23.08 -8.53 4.74
CA LYS A 111 -21.78 -7.97 4.42
C LYS A 111 -21.59 -6.59 5.05
N GLN A 112 -22.68 -5.82 5.10
CA GLN A 112 -22.64 -4.49 5.69
C GLN A 112 -22.90 -4.51 7.19
N LYS A 113 -22.85 -5.69 7.79
CA LYS A 113 -23.06 -5.87 9.22
C LYS A 113 -24.42 -5.37 9.72
N ASN A 114 -25.43 -5.44 8.86
CA ASN A 114 -26.80 -5.16 9.25
C ASN A 114 -27.55 -6.48 9.45
N PHE A 115 -27.29 -7.12 10.58
CA PHE A 115 -27.69 -8.51 10.79
C PHE A 115 -29.19 -8.73 10.89
N ILE A 116 -29.88 -7.84 11.61
CA ILE A 116 -31.33 -7.98 11.77
C ILE A 116 -32.04 -7.84 10.43
N LEU A 117 -31.61 -6.88 9.62
CA LEU A 117 -32.18 -6.66 8.30
C LEU A 117 -31.88 -7.84 7.37
N ALA A 118 -30.67 -8.37 7.48
CA ALA A 118 -30.27 -9.51 6.66
C ALA A 118 -31.14 -10.73 6.94
N ILE A 119 -31.42 -10.97 8.22
CA ILE A 119 -32.29 -12.06 8.63
C ILE A 119 -33.69 -11.89 8.08
N ASP A 120 -34.23 -10.67 8.21
CA ASP A 120 -35.55 -10.35 7.71
C ASP A 120 -35.67 -10.65 6.22
N HIS A 121 -34.63 -10.29 5.47
CA HIS A 121 -34.57 -10.59 4.04
C HIS A 121 -34.50 -12.09 3.78
N TYR A 122 -33.63 -12.79 4.52
CA TYR A 122 -33.49 -14.23 4.37
C TYR A 122 -34.80 -14.96 4.64
N LYS A 123 -35.51 -14.53 5.67
CA LYS A 123 -36.79 -15.15 6.06
C LYS A 123 -37.84 -15.00 4.97
N HIS A 124 -37.86 -13.85 4.29
CA HIS A 124 -38.75 -13.64 3.17
C HIS A 124 -38.34 -14.51 1.99
N ALA A 125 -37.04 -14.68 1.80
CA ALA A 125 -36.51 -15.53 0.74
C ALA A 125 -36.87 -16.98 0.99
N GLU A 126 -36.81 -17.39 2.26
CA GLU A 126 -37.07 -18.77 2.65
C GLU A 126 -38.49 -19.21 2.31
N GLU A 127 -39.41 -18.26 2.29
CA GLU A 127 -40.79 -18.52 1.91
C GLU A 127 -40.91 -18.97 0.46
N LYS A 128 -39.93 -18.60 -0.35
CA LYS A 128 -39.96 -18.88 -1.79
C LYS A 128 -38.93 -19.93 -2.17
N LEU A 129 -38.51 -20.72 -1.18
CA LEU A 129 -37.44 -21.70 -1.37
C LEU A 129 -37.89 -22.89 -2.23
N GLU A 130 -39.18 -22.93 -2.55
CA GLU A 130 -39.74 -24.00 -3.37
C GLU A 130 -39.30 -23.88 -4.82
N TYR A 131 -38.89 -22.67 -5.21
CA TYR A 131 -38.45 -22.43 -6.58
C TYR A 131 -37.00 -22.87 -6.80
N VAL A 132 -36.36 -23.31 -5.72
CA VAL A 132 -35.00 -23.83 -5.79
C VAL A 132 -35.02 -25.35 -5.95
N GLU A 133 -34.58 -25.81 -7.12
CA GLU A 133 -34.58 -27.24 -7.41
C GLU A 133 -33.24 -27.89 -7.07
N ASP A 134 -32.19 -27.09 -7.06
CA ASP A 134 -30.85 -27.58 -6.76
C ASP A 134 -30.65 -27.66 -5.24
N GLU A 135 -30.46 -28.88 -4.74
CA GLU A 135 -30.32 -29.09 -3.30
C GLU A 135 -29.04 -28.46 -2.76
N ILE A 136 -27.98 -28.47 -3.56
CA ILE A 136 -26.73 -27.83 -3.20
C ILE A 136 -26.94 -26.32 -3.07
N GLU A 137 -27.75 -25.78 -3.96
CA GLU A 137 -28.10 -24.36 -3.92
C GLU A 137 -28.85 -24.05 -2.63
N LYS A 138 -29.72 -24.95 -2.21
CA LYS A 138 -30.44 -24.78 -0.97
C LYS A 138 -29.50 -24.82 0.23
N ALA A 139 -28.48 -25.67 0.14
CA ALA A 139 -27.49 -25.79 1.22
C ALA A 139 -26.75 -24.48 1.45
N GLU A 140 -26.42 -23.77 0.38
CA GLU A 140 -25.78 -22.47 0.50
C GLU A 140 -26.68 -21.50 1.25
N PHE A 141 -27.96 -21.52 0.91
CA PHE A 141 -28.93 -20.65 1.55
C PHE A 141 -29.01 -20.93 3.05
N LEU A 142 -29.10 -22.21 3.39
CA LEU A 142 -29.17 -22.61 4.80
C LEU A 142 -27.93 -22.18 5.57
N PHE A 143 -26.77 -22.25 4.92
CA PHE A 143 -25.53 -21.78 5.55
C PHE A 143 -25.57 -20.28 5.85
N LYS A 144 -26.00 -19.50 4.87
CA LYS A 144 -26.03 -18.04 5.02
C LYS A 144 -26.97 -17.63 6.14
N VAL A 145 -28.07 -18.38 6.29
CA VAL A 145 -28.99 -18.16 7.40
C VAL A 145 -28.29 -18.50 8.71
N ALA A 146 -27.62 -19.64 8.75
CA ALA A 146 -26.86 -20.05 9.93
C ALA A 146 -25.78 -19.03 10.27
N GLU A 147 -25.15 -18.51 9.23
CA GLU A 147 -24.06 -17.56 9.39
C GLU A 147 -24.51 -16.29 10.11
N VAL A 148 -25.62 -15.70 9.65
CA VAL A 148 -26.10 -14.46 10.23
C VAL A 148 -26.63 -14.66 11.66
N TYR A 149 -27.27 -15.80 11.91
CA TYR A 149 -27.75 -16.13 13.26
C TYR A 149 -26.59 -16.23 14.25
N TYR A 150 -25.47 -16.76 13.81
CA TYR A 150 -24.29 -16.87 14.67
C TYR A 150 -23.79 -15.50 15.11
N HIS A 151 -23.84 -14.53 14.20
CA HIS A 151 -23.32 -13.20 14.49
C HIS A 151 -24.17 -12.40 15.49
N ILE A 152 -25.39 -12.88 15.76
CA ILE A 152 -26.20 -12.29 16.83
C ILE A 152 -26.40 -13.27 17.96
N LYS A 153 -25.55 -14.29 18.00
CA LYS A 153 -25.53 -15.26 19.09
C LYS A 153 -26.84 -16.01 19.29
N GLN A 154 -27.61 -16.20 18.21
CA GLN A 154 -28.76 -17.08 18.27
C GLN A 154 -28.29 -18.49 17.97
N THR A 155 -27.69 -19.11 18.99
CA THR A 155 -26.95 -20.35 18.85
C THR A 155 -27.73 -21.51 18.25
N TYR A 156 -28.94 -21.74 18.73
CA TYR A 156 -29.67 -22.93 18.31
C TYR A 156 -30.39 -22.82 16.97
N PHE A 157 -30.78 -21.60 16.60
CA PHE A 157 -31.24 -21.38 15.22
C PHE A 157 -30.06 -21.57 14.27
N SER A 158 -28.91 -21.03 14.65
CA SER A 158 -27.71 -21.13 13.83
C SER A 158 -27.25 -22.58 13.72
N MET A 159 -27.26 -23.30 14.83
CA MET A 159 -26.89 -24.70 14.88
C MET A 159 -27.74 -25.56 13.96
N ASN A 160 -29.05 -25.33 14.00
CA ASN A 160 -29.98 -26.11 13.21
CA ASN A 160 -30.00 -26.09 13.21
C ASN A 160 -29.79 -25.91 11.71
N TYR A 161 -29.69 -24.65 11.29
CA TYR A 161 -29.47 -24.34 9.88
C TYR A 161 -28.12 -24.83 9.40
N ALA A 162 -27.08 -24.65 10.22
CA ALA A 162 -25.74 -25.10 9.86
C ALA A 162 -25.66 -26.61 9.72
N SER A 163 -26.36 -27.32 10.59
CA SER A 163 -26.39 -28.78 10.53
C SER A 163 -27.10 -29.27 9.28
N GLN A 164 -28.22 -28.64 8.93
CA GLN A 164 -28.95 -28.97 7.72
C GLN A 164 -28.06 -28.80 6.48
N ALA A 165 -27.34 -27.69 6.46
CA ALA A 165 -26.46 -27.37 5.33
C ALA A 165 -25.30 -28.36 5.25
N LEU A 166 -24.67 -28.63 6.39
CA LEU A 166 -23.54 -29.55 6.45
C LEU A 166 -23.94 -30.96 6.00
N ASP A 167 -25.13 -31.40 6.38
CA ASP A 167 -25.62 -32.72 5.99
C ASP A 167 -25.79 -32.85 4.48
N ILE A 168 -26.15 -31.76 3.82
CA ILE A 168 -26.32 -31.78 2.37
C ILE A 168 -24.98 -31.88 1.65
N TYR A 169 -24.01 -31.09 2.09
CA TYR A 169 -22.67 -31.12 1.51
C TYR A 169 -22.01 -32.48 1.68
N THR A 170 -22.22 -33.09 2.85
CA THR A 170 -21.67 -34.40 3.13
C THR A 170 -22.34 -35.47 2.26
N LYS A 171 -23.65 -35.32 2.09
CA LYS A 171 -24.45 -36.27 1.33
C LYS A 171 -24.01 -36.31 -0.14
N TYR A 172 -23.65 -35.16 -0.69
CA TYR A 172 -23.20 -35.07 -2.07
C TYR A 172 -21.69 -35.15 -2.19
N GLU A 173 -21.02 -35.26 -1.03
CA GLU A 173 -19.56 -35.29 -0.97
C GLU A 173 -18.95 -34.07 -1.66
N LEU A 174 -19.60 -32.92 -1.51
CA LEU A 174 -19.11 -31.68 -2.06
C LEU A 174 -18.30 -30.94 -1.01
N TYR A 175 -16.99 -31.09 -1.06
CA TYR A 175 -16.11 -30.51 -0.05
C TYR A 175 -15.48 -29.21 -0.54
N GLY A 176 -16.30 -28.17 -0.67
CA GLY A 176 -15.83 -26.87 -1.11
C GLY A 176 -15.74 -25.88 0.05
N ARG A 177 -15.73 -24.60 -0.29
CA ARG A 177 -15.62 -23.54 0.71
C ARG A 177 -16.79 -23.53 1.69
N ARG A 178 -18.00 -23.76 1.17
CA ARG A 178 -19.19 -23.68 2.00
C ARG A 178 -19.22 -24.72 3.12
N ARG A 179 -18.74 -25.93 2.83
CA ARG A 179 -18.72 -26.98 3.85
C ARG A 179 -17.81 -26.60 5.01
N VAL A 180 -16.63 -26.09 4.70
CA VAL A 180 -15.70 -25.64 5.73
C VAL A 180 -16.32 -24.53 6.57
N GLN A 181 -16.97 -23.59 5.89
CA GLN A 181 -17.64 -22.48 6.56
C GLN A 181 -18.72 -22.99 7.53
N CYS A 182 -19.43 -24.05 7.14
CA CYS A 182 -20.40 -24.70 8.00
C CYS A 182 -19.73 -25.21 9.28
N GLU A 183 -18.56 -25.82 9.12
CA GLU A 183 -17.81 -26.33 10.26
C GLU A 183 -17.35 -25.20 11.17
N PHE A 184 -16.99 -24.06 10.58
CA PHE A 184 -16.63 -22.86 11.32
C PHE A 184 -17.79 -22.38 12.20
N ILE A 185 -18.99 -22.35 11.62
CA ILE A 185 -20.17 -21.87 12.32
C ILE A 185 -20.56 -22.80 13.47
N ILE A 186 -20.56 -24.10 13.20
CA ILE A 186 -20.88 -25.10 14.22
C ILE A 186 -19.93 -24.99 15.42
N ALA A 187 -18.63 -24.87 15.13
CA ALA A 187 -17.64 -24.69 16.18
C ALA A 187 -17.83 -23.37 16.92
N GLY A 188 -18.13 -22.31 16.16
CA GLY A 188 -18.37 -21.01 16.74
C GLY A 188 -19.53 -21.02 17.71
N ASN A 189 -20.58 -21.74 17.35
CA ASN A 189 -21.73 -21.92 18.22
C ASN A 189 -21.39 -22.71 19.48
N LEU A 190 -20.59 -23.75 19.31
CA LEU A 190 -20.15 -24.58 20.44
C LEU A 190 -19.32 -23.76 21.42
N THR A 191 -18.46 -22.89 20.89
CA THR A 191 -17.66 -22.00 21.71
C THR A 191 -18.55 -21.06 22.52
N ASP A 192 -19.63 -20.59 21.90
CA ASP A 192 -20.57 -19.70 22.58
C ASP A 192 -21.29 -20.36 23.76
N VAL A 193 -21.35 -21.69 23.75
CA VAL A 193 -21.93 -22.42 24.88
C VAL A 193 -20.86 -23.13 25.69
N TYR A 194 -19.61 -22.69 25.51
CA TYR A 194 -18.48 -23.16 26.30
C TYR A 194 -18.19 -24.65 26.14
N HIS A 195 -18.54 -25.19 24.98
CA HIS A 195 -18.18 -26.57 24.63
C HIS A 195 -16.92 -26.55 23.77
N HIS A 196 -15.81 -26.13 24.38
CA HIS A 196 -14.57 -25.89 23.64
C HIS A 196 -13.98 -27.16 23.05
N GLU A 197 -14.13 -28.27 23.76
CA GLU A 197 -13.60 -29.56 23.31
C GLU A 197 -14.26 -30.02 22.01
N LYS A 198 -15.57 -29.84 21.90
CA LYS A 198 -16.29 -30.20 20.69
C LYS A 198 -16.01 -29.22 19.56
N ALA A 199 -15.87 -27.95 19.91
CA ALA A 199 -15.55 -26.91 18.93
C ALA A 199 -14.19 -27.18 18.28
N LEU A 200 -13.22 -27.54 19.11
CA LEU A 200 -11.87 -27.83 18.62
C LEU A 200 -11.84 -29.02 17.68
N THR A 201 -12.68 -30.01 17.95
CA THR A 201 -12.79 -31.19 17.08
C THR A 201 -13.26 -30.78 15.69
N HIS A 202 -14.26 -29.90 15.66
CA HIS A 202 -14.77 -29.39 14.40
C HIS A 202 -13.76 -28.50 13.68
N LEU A 203 -13.02 -27.71 14.45
CA LEU A 203 -12.06 -26.77 13.87
C LEU A 203 -10.83 -27.47 13.30
N CYS A 204 -10.41 -28.55 13.95
CA CYS A 204 -9.26 -29.31 13.47
C CYS A 204 -9.62 -30.06 12.18
N SER A 205 -10.88 -30.46 12.06
CA SER A 205 -11.38 -31.05 10.83
C SER A 205 -11.48 -29.97 9.75
N ALA A 206 -11.99 -28.80 10.14
CA ALA A 206 -12.17 -27.69 9.21
C ALA A 206 -10.83 -27.16 8.68
N LEU A 207 -9.83 -27.14 9.55
CA LEU A 207 -8.50 -26.69 9.17
C LEU A 207 -7.90 -27.58 8.09
N GLU A 208 -8.04 -28.89 8.26
CA GLU A 208 -7.54 -29.83 7.27
C GLU A 208 -8.31 -29.72 5.95
N HIS A 209 -9.62 -29.50 6.06
CA HIS A 209 -10.45 -29.32 4.88
C HIS A 209 -10.08 -28.03 4.15
N ALA A 210 -9.70 -27.02 4.91
CA ALA A 210 -9.25 -25.75 4.33
C ALA A 210 -7.94 -25.93 3.59
N ARG A 211 -7.01 -26.67 4.19
CA ARG A 211 -5.73 -26.96 3.56
C ARG A 211 -5.90 -27.72 2.25
N GLN A 212 -6.92 -28.58 2.20
CA GLN A 212 -7.21 -29.36 1.00
C GLN A 212 -7.75 -28.48 -0.11
N LEU A 213 -8.44 -27.41 0.27
CA LEU A 213 -8.96 -26.44 -0.70
C LEU A 213 -7.84 -25.60 -1.30
N GLU A 214 -6.72 -25.54 -0.58
CA GLU A 214 -5.57 -24.74 -0.98
C GLU A 214 -5.94 -23.27 -1.21
N GLU A 215 -6.88 -22.79 -0.41
CA GLU A 215 -7.28 -21.39 -0.44
C GLU A 215 -6.76 -20.68 0.80
N ALA A 216 -5.89 -19.70 0.60
CA ALA A 216 -5.26 -18.98 1.71
C ALA A 216 -6.26 -18.34 2.66
N TYR A 217 -7.35 -17.83 2.11
CA TYR A 217 -8.39 -17.18 2.90
C TYR A 217 -8.96 -18.15 3.94
N MET A 218 -9.33 -19.34 3.49
CA MET A 218 -9.96 -20.33 4.37
C MET A 218 -8.97 -20.92 5.38
N ILE A 219 -7.72 -21.08 4.97
CA ILE A 219 -6.69 -21.58 5.87
C ILE A 219 -6.42 -20.58 6.98
N ALA A 220 -6.33 -19.30 6.61
CA ALA A 220 -6.15 -18.23 7.58
C ALA A 220 -7.33 -18.11 8.52
N ALA A 221 -8.54 -18.24 7.98
CA ALA A 221 -9.76 -18.17 8.78
C ALA A 221 -9.83 -19.36 9.76
N ALA A 222 -9.39 -20.52 9.29
CA ALA A 222 -9.33 -21.71 10.14
C ALA A 222 -8.37 -21.47 11.30
N TYR A 223 -7.22 -20.91 11.00
CA TYR A 223 -6.22 -20.57 12.01
C TYR A 223 -6.77 -19.57 13.02
N TYR A 224 -7.49 -18.57 12.55
CA TYR A 224 -8.06 -17.56 13.43
C TYR A 224 -9.10 -18.20 14.35
N ASN A 225 -9.93 -19.06 13.79
CA ASN A 225 -10.99 -19.69 14.56
C ASN A 225 -10.46 -20.62 15.64
N VAL A 226 -9.34 -21.30 15.36
CA VAL A 226 -8.68 -22.12 16.36
C VAL A 226 -8.19 -21.23 17.50
N GLY A 227 -7.57 -20.11 17.14
CA GLY A 227 -7.11 -19.14 18.14
C GLY A 227 -8.27 -18.56 18.91
N HIS A 228 -9.38 -18.30 18.21
CA HIS A 228 -10.60 -17.78 18.83
C HIS A 228 -11.13 -18.75 19.88
N CYS A 229 -11.13 -20.04 19.55
CA CYS A 229 -11.62 -21.07 20.46
C CYS A 229 -10.70 -21.22 21.68
N LYS A 230 -9.39 -21.30 21.43
CA LYS A 230 -8.42 -21.45 22.50
C LYS A 230 -8.39 -20.23 23.42
N TYR A 231 -8.63 -19.06 22.84
CA TYR A 231 -8.71 -17.83 23.62
C TYR A 231 -9.90 -17.86 24.58
N SER A 232 -11.03 -18.37 24.09
CA SER A 232 -12.21 -18.53 24.91
C SER A 232 -11.97 -19.58 26.00
N LEU A 233 -11.15 -20.57 25.67
CA LEU A 233 -10.82 -21.64 26.59
C LEU A 233 -9.93 -21.13 27.72
N GLY A 234 -9.08 -20.16 27.41
CA GLY A 234 -8.18 -19.59 28.39
C GLY A 234 -6.73 -19.86 28.08
N ASP A 235 -6.46 -20.63 27.03
CA ASP A 235 -5.09 -20.92 26.61
C ASP A 235 -4.57 -19.79 25.74
N TYR A 236 -4.04 -18.75 26.37
CA TYR A 236 -3.61 -17.55 25.67
C TYR A 236 -2.34 -17.78 24.85
N LYS A 237 -1.44 -18.61 25.38
CA LYS A 237 -0.17 -18.89 24.72
C LYS A 237 -0.35 -19.54 23.35
N GLU A 238 -1.20 -20.57 23.29
CA GLU A 238 -1.47 -21.25 22.03
C GLU A 238 -2.24 -20.34 21.08
N ALA A 239 -3.22 -19.62 21.62
CA ALA A 239 -4.06 -18.75 20.82
C ALA A 239 -3.27 -17.61 20.17
N GLU A 240 -2.20 -17.17 20.84
CA GLU A 240 -1.33 -16.13 20.31
C GLU A 240 -0.73 -16.54 18.97
N GLY A 241 -0.15 -17.73 18.92
CA GLY A 241 0.46 -18.24 17.72
C GLY A 241 -0.51 -18.39 16.56
N TYR A 242 -1.73 -18.79 16.86
CA TYR A 242 -2.75 -18.96 15.82
C TYR A 242 -3.22 -17.62 15.25
N PHE A 243 -3.37 -16.62 16.12
CA PHE A 243 -3.73 -15.28 15.68
C PHE A 243 -2.62 -14.67 14.83
N LYS A 244 -1.37 -14.90 15.24
CA LYS A 244 -0.22 -14.41 14.50
C LYS A 244 -0.19 -14.97 13.08
N THR A 245 -0.36 -16.28 12.97
CA THR A 245 -0.34 -16.95 11.67
C THR A 245 -1.48 -16.47 10.79
N ALA A 246 -2.68 -16.38 11.35
CA ALA A 246 -3.84 -15.89 10.61
C ALA A 246 -3.63 -14.47 10.11
N ALA A 247 -3.10 -13.62 10.99
CA ALA A 247 -2.84 -12.23 10.64
C ALA A 247 -1.84 -12.13 9.48
N ALA A 248 -0.79 -12.95 9.54
CA ALA A 248 0.25 -12.92 8.52
C ALA A 248 -0.29 -13.34 7.16
N ILE A 249 -1.09 -14.40 7.13
CA ILE A 249 -1.64 -14.91 5.88
C ILE A 249 -2.63 -13.94 5.26
N PHE A 250 -3.57 -13.44 6.06
CA PHE A 250 -4.55 -12.46 5.60
C PHE A 250 -3.86 -11.20 5.05
N GLU A 251 -2.82 -10.77 5.73
CA GLU A 251 -2.09 -9.56 5.33
C GLU A 251 -1.32 -9.78 4.03
N GLU A 252 -0.79 -10.99 3.85
CA GLU A 252 -0.06 -11.33 2.63
C GLU A 252 -0.96 -11.24 1.39
N HIS A 253 -2.20 -11.69 1.53
CA HIS A 253 -3.13 -11.72 0.40
C HIS A 253 -4.08 -10.53 0.40
N ASN A 254 -3.78 -9.54 1.24
CA ASN A 254 -4.52 -8.29 1.31
C ASN A 254 -6.03 -8.45 1.55
N PHE A 255 -6.39 -9.27 2.53
CA PHE A 255 -7.78 -9.38 2.95
C PHE A 255 -8.05 -8.46 4.14
N GLN A 256 -9.25 -7.92 4.19
CA GLN A 256 -9.64 -7.03 5.29
C GLN A 256 -9.72 -7.78 6.62
N GLN A 257 -9.78 -9.11 6.53
CA GLN A 257 -9.83 -9.96 7.72
C GLN A 257 -8.55 -9.83 8.55
N ALA A 258 -7.49 -9.30 7.94
CA ALA A 258 -6.24 -9.06 8.64
C ALA A 258 -6.42 -8.08 9.79
N VAL A 259 -7.40 -7.19 9.65
CA VAL A 259 -7.67 -6.20 10.69
C VAL A 259 -8.16 -6.89 11.98
N GLN A 260 -9.16 -7.76 11.84
CA GLN A 260 -9.69 -8.48 12.99
C GLN A 260 -8.64 -9.40 13.61
N ALA A 261 -7.86 -10.06 12.74
CA ALA A 261 -6.82 -10.97 13.20
C ALA A 261 -5.79 -10.25 14.06
N VAL A 262 -5.32 -9.11 13.58
CA VAL A 262 -4.35 -8.31 14.33
C VAL A 262 -4.99 -7.74 15.60
N PHE A 263 -6.28 -7.44 15.54
CA PHE A 263 -6.99 -6.96 16.72
C PHE A 263 -6.98 -8.01 17.84
N SER A 264 -7.39 -9.23 17.50
CA SER A 264 -7.39 -10.33 18.46
C SER A 264 -5.98 -10.61 18.96
N LEU A 265 -5.00 -10.41 18.10
CA LEU A 265 -3.60 -10.59 18.47
C LEU A 265 -3.18 -9.50 19.46
N THR A 266 -3.57 -8.27 19.16
CA THR A 266 -3.29 -7.14 20.03
C THR A 266 -3.95 -7.34 21.39
N HIS A 267 -5.21 -7.78 21.36
CA HIS A 267 -5.98 -7.98 22.57
C HIS A 267 -5.35 -9.04 23.47
N ILE A 268 -4.90 -10.14 22.86
CA ILE A 268 -4.35 -11.24 23.65
C ILE A 268 -2.96 -10.89 24.21
N TYR A 269 -2.21 -10.05 23.50
CA TYR A 269 -0.94 -9.53 24.01
C TYR A 269 -1.21 -8.72 25.27
N CYS A 270 -2.27 -7.93 25.25
CA CYS A 270 -2.67 -7.11 26.39
C CYS A 270 -3.00 -7.97 27.60
N LYS A 271 -3.76 -9.04 27.38
CA LYS A 271 -4.18 -9.92 28.48
C LYS A 271 -3.02 -10.76 29.01
N GLU A 272 -2.02 -10.99 28.18
CA GLU A 272 -0.84 -11.73 28.59
C GLU A 272 0.15 -10.85 29.33
N GLY A 273 -0.04 -9.53 29.24
CA GLY A 273 0.84 -8.58 29.87
C GLY A 273 2.06 -8.24 29.03
N LYS A 274 2.08 -8.77 27.80
CA LYS A 274 3.17 -8.48 26.88
C LYS A 274 2.93 -7.14 26.21
N TYR A 275 3.15 -6.06 26.95
CA TYR A 275 2.78 -4.73 26.51
C TYR A 275 3.62 -4.19 25.36
N ASP A 276 4.89 -4.62 25.29
CA ASP A 276 5.74 -4.25 24.17
C ASP A 276 5.19 -4.78 22.85
N LYS A 277 4.87 -6.06 22.83
CA LYS A 277 4.28 -6.68 21.64
C LYS A 277 2.89 -6.14 21.37
N ALA A 278 2.19 -5.76 22.43
CA ALA A 278 0.84 -5.19 22.30
C ALA A 278 0.88 -3.85 21.57
N VAL A 279 1.82 -3.00 21.94
CA VAL A 279 1.99 -1.71 21.28
C VAL A 279 2.33 -1.88 19.81
N GLU A 280 3.26 -2.78 19.52
CA GLU A 280 3.68 -3.07 18.16
C GLU A 280 2.52 -3.59 17.31
N ALA A 281 1.69 -4.46 17.91
CA ALA A 281 0.53 -5.01 17.21
C ALA A 281 -0.56 -3.95 17.05
N TYR A 282 -0.68 -3.07 18.04
CA TYR A 282 -1.64 -1.98 18.00
C TYR A 282 -1.39 -1.02 16.86
N ASP A 283 -0.13 -0.59 16.71
CA ASP A 283 0.26 0.32 15.65
C ASP A 283 -0.01 -0.31 14.28
N ARG A 284 0.33 -1.58 14.17
CA ARG A 284 0.09 -2.35 12.95
C ARG A 284 -1.41 -2.44 12.65
N GLY A 285 -2.21 -2.60 13.68
CA GLY A 285 -3.64 -2.76 13.52
C GLY A 285 -4.39 -1.50 13.14
N ILE A 286 -4.09 -0.39 13.81
CA ILE A 286 -4.76 0.87 13.52
C ILE A 286 -4.38 1.39 12.15
N LYS A 287 -3.16 1.06 11.71
CA LYS A 287 -2.69 1.43 10.39
C LYS A 287 -3.49 0.69 9.33
N SER A 288 -3.71 -0.61 9.57
CA SER A 288 -4.46 -1.44 8.65
C SER A 288 -5.93 -1.06 8.64
N ALA A 289 -6.48 -0.80 9.82
CA ALA A 289 -7.88 -0.42 9.94
C ALA A 289 -8.17 0.91 9.24
N ALA A 290 -7.19 1.81 9.26
CA ALA A 290 -7.33 3.10 8.61
C ALA A 290 -7.28 2.97 7.09
N GLU A 291 -6.42 2.07 6.61
CA GLU A 291 -6.30 1.82 5.17
C GLU A 291 -7.56 1.17 4.62
N TRP A 292 -8.23 0.37 5.45
CA TRP A 292 -9.47 -0.28 5.04
C TRP A 292 -10.69 0.58 5.37
N GLU A 293 -10.43 1.77 5.93
CA GLU A 293 -11.48 2.68 6.37
C GLU A 293 -12.46 1.99 7.32
N ASP A 294 -11.92 1.12 8.17
CA ASP A 294 -12.71 0.37 9.13
C ASP A 294 -12.84 1.15 10.43
N ASP A 295 -13.81 2.06 10.47
CA ASP A 295 -14.01 2.94 11.62
C ASP A 295 -14.34 2.16 12.89
N MET A 296 -14.98 1.01 12.71
CA MET A 296 -15.44 0.22 13.84
C MET A 296 -14.29 -0.50 14.54
N TYR A 297 -13.32 -0.97 13.77
CA TYR A 297 -12.13 -1.57 14.38
C TYR A 297 -11.18 -0.50 14.94
N LEU A 298 -11.21 0.68 14.34
CA LEU A 298 -10.50 1.83 14.90
C LEU A 298 -11.06 2.13 16.29
N THR A 299 -12.38 2.01 16.42
CA THR A 299 -13.05 2.19 17.70
C THR A 299 -12.65 1.10 18.70
N LYS A 300 -12.57 -0.12 18.20
CA LYS A 300 -12.19 -1.27 19.03
C LYS A 300 -10.73 -1.19 19.49
N PHE A 301 -9.85 -0.79 18.59
CA PHE A 301 -8.45 -0.61 18.93
C PHE A 301 -8.27 0.48 19.99
N ARG A 302 -9.02 1.56 19.84
CA ARG A 302 -8.99 2.67 20.79
C ARG A 302 -9.48 2.23 22.16
N LEU A 303 -10.44 1.32 22.17
CA LEU A 303 -11.02 0.81 23.41
C LEU A 303 -9.98 0.04 24.22
N ILE A 304 -9.36 -0.95 23.61
CA ILE A 304 -8.41 -1.80 24.32
C ILE A 304 -7.09 -1.09 24.61
N HIS A 305 -6.77 -0.06 23.81
CA HIS A 305 -5.57 0.71 24.06
C HIS A 305 -5.76 1.55 25.32
N GLU A 306 -6.92 2.18 25.43
CA GLU A 306 -7.24 2.97 26.60
C GLU A 306 -7.31 2.08 27.84
N LEU A 307 -7.87 0.89 27.68
CA LEU A 307 -8.04 -0.04 28.79
C LEU A 307 -6.73 -0.64 29.29
N TYR A 308 -5.88 -1.08 28.36
CA TYR A 308 -4.66 -1.78 28.72
C TYR A 308 -3.38 -0.95 28.60
N LEU A 309 -3.32 -0.10 27.59
CA LEU A 309 -2.10 0.62 27.26
C LEU A 309 -2.21 2.10 27.60
N GLY A 310 -3.38 2.52 28.05
CA GLY A 310 -3.62 3.92 28.39
C GLY A 310 -3.89 4.13 29.87
N SER A 311 -4.76 5.09 30.17
CA SER A 311 -5.06 5.42 31.56
C SER A 311 -6.44 4.92 31.99
N GLY A 312 -7.11 4.19 31.10
CA GLY A 312 -8.39 3.61 31.40
C GLY A 312 -9.48 4.63 31.70
N ASP A 313 -9.46 5.75 30.98
CA ASP A 313 -10.45 6.80 31.17
C ASP A 313 -11.86 6.28 30.88
N LEU A 314 -12.76 6.45 31.85
CA LEU A 314 -14.11 5.88 31.75
C LEU A 314 -14.94 6.54 30.64
N ASN A 315 -14.73 7.83 30.43
CA ASN A 315 -15.45 8.55 29.39
C ASN A 315 -15.07 8.06 28.00
N VAL A 316 -13.78 7.82 27.79
CA VAL A 316 -13.28 7.31 26.51
C VAL A 316 -13.83 5.91 26.26
N LEU A 317 -13.78 5.06 27.28
CA LEU A 317 -14.28 3.70 27.17
C LEU A 317 -15.77 3.68 26.88
N THR A 318 -16.53 4.47 27.64
CA THR A 318 -17.98 4.56 27.47
C THR A 318 -18.35 5.01 26.06
N GLU A 319 -17.59 5.96 25.53
CA GLU A 319 -17.80 6.45 24.17
C GLU A 319 -17.60 5.32 23.14
N CYS A 320 -16.55 4.53 23.34
CA CYS A 320 -16.27 3.40 22.44
C CYS A 320 -17.39 2.37 22.48
N PHE A 321 -17.89 2.07 23.68
CA PHE A 321 -18.98 1.12 23.83
C PHE A 321 -20.29 1.69 23.27
N ASP A 322 -20.46 3.00 23.36
CA ASP A 322 -21.64 3.65 22.80
C ASP A 322 -21.68 3.50 21.29
N LEU A 323 -20.51 3.57 20.65
CA LEU A 323 -20.41 3.40 19.20
C LEU A 323 -20.71 1.97 18.79
N LEU A 324 -20.21 1.02 19.57
CA LEU A 324 -20.44 -0.40 19.29
C LEU A 324 -21.91 -0.77 19.40
N GLU A 325 -22.56 -0.30 20.46
CA GLU A 325 -23.97 -0.62 20.70
C GLU A 325 -24.88 0.03 19.67
N SER A 326 -24.58 1.27 19.31
CA SER A 326 -25.38 2.01 18.33
C SER A 326 -25.25 1.38 16.95
N ARG A 327 -24.13 0.69 16.72
CA ARG A 327 -23.89 0.00 15.47
C ARG A 327 -24.49 -1.40 15.52
N GLN A 328 -25.08 -1.72 16.66
CA GLN A 328 -25.73 -3.03 16.89
C GLN A 328 -24.76 -4.20 16.77
N LEU A 329 -23.53 -3.98 17.19
CA LEU A 329 -22.55 -5.07 17.28
C LEU A 329 -22.56 -5.60 18.71
N LEU A 330 -23.70 -6.19 19.09
CA LEU A 330 -23.94 -6.56 20.48
C LEU A 330 -23.07 -7.70 20.98
N ALA A 331 -22.79 -8.67 20.11
CA ALA A 331 -21.94 -9.79 20.49
C ALA A 331 -20.53 -9.34 20.80
N ASP A 332 -19.99 -8.45 19.97
CA ASP A 332 -18.66 -7.91 20.18
C ASP A 332 -18.59 -7.03 21.42
N ALA A 333 -19.63 -6.23 21.62
CA ALA A 333 -19.72 -5.35 22.78
C ALA A 333 -19.79 -6.17 24.06
N GLU A 334 -20.52 -7.28 24.01
CA GLU A 334 -20.64 -8.18 25.16
C GLU A 334 -19.28 -8.71 25.60
N ASP A 335 -18.49 -9.18 24.64
CA ASP A 335 -17.17 -9.71 24.93
C ASP A 335 -16.26 -8.65 25.56
N LEU A 336 -16.26 -7.46 24.95
CA LEU A 336 -15.39 -6.38 25.39
C LEU A 336 -15.83 -5.79 26.74
N LEU A 337 -17.14 -5.78 26.99
CA LEU A 337 -17.67 -5.33 28.27
C LEU A 337 -17.27 -6.28 29.39
N HIS A 338 -17.35 -7.58 29.10
CA HIS A 338 -16.94 -8.60 30.06
C HIS A 338 -15.46 -8.45 30.38
N ASP A 339 -14.67 -8.22 29.34
CA ASP A 339 -13.22 -8.04 29.49
CA ASP A 339 -13.23 -8.03 29.49
C ASP A 339 -12.91 -6.78 30.29
N THR A 340 -13.65 -5.71 30.02
CA THR A 340 -13.45 -4.44 30.71
C THR A 340 -13.79 -4.54 32.19
N ALA A 341 -14.94 -5.14 32.48
CA ALA A 341 -15.38 -5.32 33.86
C ALA A 341 -14.40 -6.19 34.64
N GLU A 342 -13.96 -7.29 34.03
CA GLU A 342 -13.01 -8.19 34.67
C GLU A 342 -11.68 -7.51 34.94
N ARG A 343 -11.24 -6.66 34.01
CA ARG A 343 -9.99 -5.93 34.15
C ARG A 343 -10.02 -4.98 35.35
N PHE A 344 -11.10 -4.21 35.47
CA PHE A 344 -11.23 -3.29 36.60
C PHE A 344 -11.39 -4.02 37.92
N ASN A 345 -12.02 -5.20 37.86
CA ASN A 345 -12.22 -6.00 39.07
C ASN A 345 -10.91 -6.52 39.66
N GLN A 346 -10.04 -7.03 38.80
CA GLN A 346 -8.76 -7.56 39.27
C GLN A 346 -7.83 -6.43 39.71
N LEU A 347 -8.05 -5.23 39.18
CA LEU A 347 -7.30 -4.06 39.63
C LEU A 347 -7.94 -3.49 40.89
N GLU A 348 -9.02 -4.12 41.33
CA GLU A 348 -9.78 -3.70 42.50
C GLU A 348 -10.35 -2.29 42.36
N HIS A 349 -10.67 -1.91 41.13
CA HIS A 349 -11.44 -0.70 40.87
C HIS A 349 -12.90 -1.10 40.79
N TYR A 350 -13.49 -1.34 41.95
CA TYR A 350 -14.81 -1.98 42.02
C TYR A 350 -15.95 -1.12 41.48
N GLU A 351 -15.86 0.20 41.67
CA GLU A 351 -16.90 1.09 41.16
C GLU A 351 -16.94 1.06 39.64
N SER A 352 -15.76 1.17 39.01
CA SER A 352 -15.66 1.10 37.56
C SER A 352 -16.08 -0.29 37.08
N ALA A 353 -15.71 -1.32 37.83
CA ALA A 353 -16.07 -2.68 37.48
C ALA A 353 -17.58 -2.88 37.50
N ALA A 354 -18.22 -2.42 38.57
CA ALA A 354 -19.67 -2.53 38.71
C ALA A 354 -20.38 -1.76 37.60
N PHE A 355 -19.78 -0.65 37.18
CA PHE A 355 -20.32 0.17 36.09
C PHE A 355 -20.39 -0.63 34.79
N PHE A 356 -19.34 -1.39 34.49
CA PHE A 356 -19.30 -2.16 33.25
C PHE A 356 -20.01 -3.50 33.35
N TYR A 357 -20.09 -4.06 34.56
CA TYR A 357 -20.88 -5.27 34.79
C TYR A 357 -22.36 -4.96 34.53
N ARG A 358 -22.80 -3.79 34.96
CA ARG A 358 -24.18 -3.37 34.75
C ARG A 358 -24.49 -3.24 33.26
N ARG A 359 -23.59 -2.62 32.52
CA ARG A 359 -23.78 -2.43 31.09
C ARG A 359 -23.73 -3.78 30.36
N LEU A 360 -22.88 -4.67 30.86
CA LEU A 360 -22.81 -6.03 30.33
C LEU A 360 -24.16 -6.72 30.49
N MET A 361 -24.80 -6.50 31.63
CA MET A 361 -26.14 -7.01 31.89
C MET A 361 -27.14 -6.46 30.86
N ASN A 362 -27.07 -5.16 30.64
CA ASN A 362 -27.95 -4.48 29.69
CA ASN A 362 -27.96 -4.49 29.70
C ASN A 362 -27.80 -5.03 28.28
N ILE A 363 -26.56 -5.33 27.89
CA ILE A 363 -26.29 -5.85 26.56
C ILE A 363 -26.80 -7.29 26.40
N LYS A 364 -26.61 -8.12 27.42
CA LYS A 364 -27.12 -9.49 27.40
C LYS A 364 -28.64 -9.50 27.24
N LYS A 365 -29.30 -8.54 27.88
CA LYS A 365 -30.74 -8.40 27.77
C LYS A 365 -31.14 -8.03 26.34
N LYS A 366 -30.41 -7.09 25.75
CA LYS A 366 -30.67 -6.66 24.38
C LYS A 366 -30.49 -7.81 23.39
N LEU A 367 -29.43 -8.60 23.60
CA LEU A 367 -29.17 -9.78 22.78
C LEU A 367 -30.32 -10.77 22.89
N ALA A 368 -30.84 -10.95 24.10
CA ALA A 368 -31.93 -11.89 24.35
C ALA A 368 -33.25 -11.38 23.79
N GLU A 369 -33.49 -10.08 23.91
CA GLU A 369 -34.73 -9.48 23.41
C GLU A 369 -34.87 -9.63 21.90
N GLN A 370 -33.73 -9.72 21.21
CA GLN A 370 -33.73 -9.84 19.76
C GLN A 370 -34.02 -11.27 19.29
N ARG A 371 -34.58 -12.09 20.16
CA ARG A 371 -34.97 -13.44 19.81
C ARG A 371 -36.48 -13.55 19.60
N SER B 7 7.06 -22.16 -16.31
CA SER B 7 8.08 -21.96 -17.33
C SER B 7 7.93 -20.60 -18.00
N GLU B 8 7.39 -20.59 -19.20
CA GLU B 8 7.17 -19.35 -19.94
C GLU B 8 6.07 -18.51 -19.31
N GLU B 9 5.06 -19.18 -18.78
CA GLU B 9 3.92 -18.51 -18.16
C GLU B 9 4.33 -17.58 -17.01
N VAL B 10 5.09 -18.14 -16.07
CA VAL B 10 5.58 -17.35 -14.94
C VAL B 10 6.61 -16.32 -15.41
N ALA B 11 7.33 -16.66 -16.47
CA ALA B 11 8.28 -15.74 -17.07
C ALA B 11 7.55 -14.54 -17.69
N VAL B 12 6.33 -14.77 -18.15
CA VAL B 12 5.48 -13.70 -18.64
C VAL B 12 5.03 -12.81 -17.48
N LYS B 13 4.68 -13.45 -16.37
CA LYS B 13 4.27 -12.72 -15.17
C LYS B 13 5.37 -11.80 -14.67
N LEU B 14 6.61 -12.28 -14.76
CA LEU B 14 7.76 -11.48 -14.36
C LEU B 14 7.88 -10.23 -15.21
N ASN B 15 7.59 -10.37 -16.50
CA ASN B 15 7.60 -9.23 -17.40
C ASN B 15 6.42 -8.30 -17.16
N GLU B 16 5.27 -8.91 -16.82
CA GLU B 16 4.08 -8.13 -16.48
C GLU B 16 4.31 -7.38 -15.18
N TRP B 17 5.10 -7.99 -14.30
CA TRP B 17 5.50 -7.35 -13.05
C TRP B 17 6.38 -6.14 -13.35
N TYR B 18 7.28 -6.31 -14.32
CA TYR B 18 8.19 -5.24 -14.74
C TYR B 18 7.42 -4.02 -15.25
N LYS B 19 6.35 -4.27 -15.99
CA LYS B 19 5.54 -3.20 -16.55
C LYS B 19 4.86 -2.38 -15.45
N LEU B 20 4.36 -3.06 -14.42
CA LEU B 20 3.73 -2.39 -13.29
C LEU B 20 4.74 -1.56 -12.51
N ILE B 21 5.95 -2.08 -12.37
CA ILE B 21 7.01 -1.36 -11.68
C ILE B 21 7.36 -0.06 -12.40
N ARG B 22 7.55 -0.15 -13.71
CA ARG B 22 7.92 1.01 -14.52
C ARG B 22 6.79 2.03 -14.60
N ALA B 23 5.56 1.59 -14.36
CA ALA B 23 4.41 2.49 -14.38
C ALA B 23 4.12 3.02 -12.98
N PHE B 24 4.99 2.70 -12.03
CA PHE B 24 4.85 3.12 -10.64
C PHE B 24 3.53 2.67 -10.01
N GLU B 25 3.08 1.47 -10.39
CA GLU B 25 1.87 0.88 -9.82
C GLU B 25 2.25 0.02 -8.62
N ALA B 26 2.47 0.66 -7.48
CA ALA B 26 3.00 -0.01 -6.29
C ALA B 26 2.13 -1.18 -5.80
N ASP B 27 0.83 -0.91 -5.63
CA ASP B 27 -0.09 -1.91 -5.12
C ASP B 27 -0.22 -3.12 -6.04
N GLN B 28 -0.29 -2.86 -7.35
CA GLN B 28 -0.40 -3.93 -8.33
C GLN B 28 0.90 -4.71 -8.47
N ALA B 29 2.02 -4.01 -8.30
CA ALA B 29 3.33 -4.65 -8.37
C ALA B 29 3.52 -5.59 -7.17
N GLU B 30 3.06 -5.15 -6.01
CA GLU B 30 3.16 -5.96 -4.80
C GLU B 30 2.32 -7.22 -4.88
N ALA B 31 1.09 -7.07 -5.38
CA ALA B 31 0.17 -8.20 -5.50
C ALA B 31 0.69 -9.25 -6.48
N LEU B 32 1.28 -8.79 -7.58
CA LEU B 32 1.79 -9.69 -8.60
C LEU B 32 3.08 -10.36 -8.14
N LYS B 33 3.87 -9.65 -7.33
CA LYS B 33 5.10 -10.21 -6.79
C LYS B 33 4.81 -11.41 -5.90
N GLN B 34 3.84 -11.24 -5.00
CA GLN B 34 3.44 -12.30 -4.09
C GLN B 34 2.90 -13.50 -4.84
N GLU B 35 2.18 -13.24 -5.93
CA GLU B 35 1.64 -14.29 -6.78
C GLU B 35 2.77 -15.07 -7.45
N ILE B 36 3.79 -14.35 -7.89
CA ILE B 36 4.96 -14.98 -8.50
C ILE B 36 5.73 -15.82 -7.48
N GLU B 37 5.86 -15.29 -6.28
CA GLU B 37 6.56 -15.99 -5.20
C GLU B 37 5.91 -17.34 -4.88
N TYR B 38 4.58 -17.37 -4.90
CA TYR B 38 3.84 -18.60 -4.65
C TYR B 38 4.02 -19.57 -5.81
N ASP B 39 4.08 -19.04 -7.02
CA ASP B 39 4.23 -19.86 -8.22
C ASP B 39 5.65 -20.42 -8.34
N LEU B 40 6.60 -19.78 -7.68
CA LEU B 40 7.99 -20.21 -7.73
C LEU B 40 8.29 -21.33 -6.72
N GLU B 41 7.64 -21.27 -5.57
CA GLU B 41 7.86 -22.28 -4.53
C GLU B 41 7.11 -23.57 -4.85
N ASP B 42 6.14 -23.49 -5.77
CA ASP B 42 5.38 -24.66 -6.19
C ASP B 42 5.83 -25.16 -7.56
N MET B 43 7.12 -25.00 -7.84
CA MET B 43 7.69 -25.48 -9.10
C MET B 43 9.06 -26.12 -8.88
N GLU B 44 9.56 -26.79 -9.91
CA GLU B 44 10.86 -27.45 -9.83
C GLU B 44 12.01 -26.44 -9.86
N GLU B 45 13.24 -26.94 -9.72
CA GLU B 45 14.41 -26.08 -9.68
C GLU B 45 14.63 -25.35 -11.00
N ASN B 46 14.42 -24.03 -10.98
CA ASN B 46 14.64 -23.20 -12.16
C ASN B 46 15.52 -22.00 -11.82
N GLN B 47 16.81 -22.12 -12.13
CA GLN B 47 17.77 -21.08 -11.82
C GLN B 47 17.61 -19.88 -12.74
N ASP B 48 17.09 -20.13 -13.94
CA ASP B 48 16.89 -19.08 -14.92
C ASP B 48 15.82 -18.09 -14.46
N LEU B 49 14.77 -18.61 -13.84
CA LEU B 49 13.67 -17.78 -13.36
C LEU B 49 13.94 -17.22 -11.97
N LEU B 50 14.76 -17.94 -11.19
CA LEU B 50 15.15 -17.48 -9.87
C LEU B 50 16.04 -16.25 -9.97
N LEU B 51 16.90 -16.24 -10.98
CA LEU B 51 17.77 -15.09 -11.24
C LEU B 51 16.96 -13.96 -11.85
N TYR B 52 15.91 -14.33 -12.57
CA TYR B 52 14.99 -13.36 -13.16
C TYR B 52 14.25 -12.64 -12.04
N PHE B 53 13.74 -13.41 -11.08
CA PHE B 53 13.00 -12.86 -9.96
C PHE B 53 13.86 -11.96 -9.08
N SER B 54 15.08 -12.41 -8.78
CA SER B 54 15.99 -11.67 -7.91
C SER B 54 16.30 -10.29 -8.50
N LEU B 55 16.54 -10.24 -9.80
CA LEU B 55 16.77 -8.97 -10.49
C LEU B 55 15.54 -8.07 -10.41
N MET B 56 14.37 -8.66 -10.66
CA MET B 56 13.13 -7.89 -10.68
C MET B 56 12.71 -7.44 -9.27
N GLU B 57 13.07 -8.24 -8.26
CA GLU B 57 12.80 -7.89 -6.88
C GLU B 57 13.62 -6.67 -6.49
N PHE B 58 14.85 -6.62 -6.99
CA PHE B 58 15.75 -5.49 -6.74
C PHE B 58 15.18 -4.21 -7.35
N ARG B 59 14.74 -4.31 -8.61
CA ARG B 59 14.12 -3.18 -9.31
C ARG B 59 12.85 -2.73 -8.58
N HIS B 60 12.12 -3.69 -8.04
CA HIS B 60 10.88 -3.42 -7.32
C HIS B 60 11.12 -2.58 -6.06
N ARG B 61 12.14 -2.94 -5.31
CA ARG B 61 12.47 -2.22 -4.07
C ARG B 61 12.91 -0.79 -4.35
N ILE B 62 13.54 -0.58 -5.49
CA ILE B 62 13.96 0.75 -5.92
C ILE B 62 12.74 1.65 -6.10
N MET B 63 11.68 1.11 -6.68
CA MET B 63 10.45 1.86 -6.89
C MET B 63 9.77 2.20 -5.56
N LEU B 64 9.69 1.20 -4.68
CA LEU B 64 9.04 1.38 -3.38
C LEU B 64 9.76 2.44 -2.54
N ASP B 65 11.08 2.44 -2.57
CA ASP B 65 11.87 3.38 -1.80
C ASP B 65 11.71 4.80 -2.36
N LYS B 66 11.55 4.90 -3.67
CA LYS B 66 11.34 6.18 -4.33
C LYS B 66 9.98 6.78 -3.96
N LEU B 67 8.96 5.93 -3.93
CA LEU B 67 7.62 6.37 -3.59
C LEU B 67 7.45 6.59 -2.09
N MET B 68 7.98 5.66 -1.29
CA MET B 68 7.85 5.76 0.17
C MET B 68 9.20 5.57 0.87
N PRO B 69 10.03 6.63 0.89
CA PRO B 69 11.35 6.57 1.52
C PRO B 69 11.25 6.48 3.04
N VAL B 70 12.23 5.81 3.65
CA VAL B 70 12.25 5.65 5.10
C VAL B 70 13.49 6.29 5.71
N LYS B 71 13.36 6.78 6.95
CA LYS B 71 14.47 7.42 7.64
C LYS B 71 15.33 6.41 8.38
N PRO B 78 17.53 -3.34 2.59
CA PRO B 78 18.45 -4.46 2.40
C PRO B 78 18.95 -4.52 0.96
N PHE B 79 19.26 -3.37 0.38
CA PHE B 79 19.72 -3.30 -1.00
C PHE B 79 21.07 -3.97 -1.21
N SER B 80 22.01 -3.74 -0.29
CA SER B 80 23.34 -4.32 -0.39
C SER B 80 23.27 -5.85 -0.30
N ASP B 81 22.33 -6.35 0.49
CA ASP B 81 22.13 -7.78 0.64
C ASP B 81 21.66 -8.40 -0.69
N MET B 82 20.65 -7.78 -1.28
CA MET B 82 20.12 -8.25 -2.56
C MET B 82 21.17 -8.09 -3.66
N LEU B 83 21.95 -7.02 -3.58
CA LEU B 83 22.98 -6.73 -4.57
C LEU B 83 24.04 -7.84 -4.62
N ASN B 84 24.55 -8.22 -3.46
CA ASN B 84 25.58 -9.25 -3.38
C ASN B 84 25.09 -10.62 -3.81
N GLU B 85 23.81 -10.90 -3.55
CA GLU B 85 23.21 -12.17 -3.95
C GLU B 85 23.14 -12.29 -5.46
N ILE B 86 22.79 -11.19 -6.12
CA ILE B 86 22.73 -11.14 -7.57
C ILE B 86 24.12 -11.25 -8.18
N GLU B 87 25.07 -10.53 -7.59
CA GLU B 87 26.45 -10.53 -8.08
C GLU B 87 27.15 -11.88 -7.87
N SER B 88 26.61 -12.69 -6.96
CA SER B 88 27.19 -13.99 -6.67
C SER B 88 26.88 -15.00 -7.79
N ASN B 89 25.91 -14.67 -8.62
CA ASN B 89 25.51 -15.54 -9.72
C ASN B 89 25.54 -14.83 -11.08
N GLN B 90 26.39 -13.82 -11.19
CA GLN B 90 26.42 -13.00 -12.40
C GLN B 90 27.10 -13.71 -13.57
N GLN B 91 27.74 -14.84 -13.31
CA GLN B 91 28.39 -15.60 -14.37
C GLN B 91 27.36 -16.39 -15.17
N LYS B 92 26.17 -16.55 -14.60
CA LYS B 92 25.09 -17.27 -15.25
C LYS B 92 24.25 -16.35 -16.11
N LEU B 93 24.40 -15.05 -15.89
CA LEU B 93 23.59 -14.05 -16.59
C LEU B 93 24.01 -13.86 -18.04
N THR B 94 23.01 -13.84 -18.92
CA THR B 94 23.24 -13.59 -20.34
C THR B 94 22.00 -12.98 -20.98
N GLY B 95 22.21 -12.25 -22.07
CA GLY B 95 21.11 -11.66 -22.82
C GLY B 95 20.29 -10.66 -22.04
N LEU B 96 19.02 -10.99 -21.85
CA LEU B 96 18.07 -10.10 -21.18
C LEU B 96 18.44 -9.82 -19.74
N LEU B 97 18.75 -10.88 -18.99
CA LEU B 97 19.07 -10.74 -17.58
C LEU B 97 20.37 -9.97 -17.37
N GLU B 98 21.30 -10.09 -18.31
CA GLU B 98 22.56 -9.36 -18.24
C GLU B 98 22.30 -7.87 -18.44
N TYR B 99 21.33 -7.55 -19.30
CA TYR B 99 20.92 -6.16 -19.51
C TYR B 99 20.34 -5.59 -18.22
N TYR B 100 19.45 -6.33 -17.59
CA TYR B 100 18.86 -5.93 -16.32
C TYR B 100 19.94 -5.76 -15.26
N PHE B 101 20.91 -6.67 -15.27
CA PHE B 101 22.01 -6.66 -14.31
C PHE B 101 22.73 -5.32 -14.28
N TYR B 102 23.13 -4.83 -15.45
CA TYR B 102 23.83 -3.56 -15.54
C TYR B 102 22.89 -2.36 -15.37
N TYR B 103 21.68 -2.46 -15.91
CA TYR B 103 20.71 -1.39 -15.84
C TYR B 103 20.25 -1.12 -14.40
N PHE B 104 19.82 -2.18 -13.72
CA PHE B 104 19.30 -2.05 -12.36
C PHE B 104 20.37 -1.58 -11.38
N ARG B 105 21.58 -2.12 -11.52
CA ARG B 105 22.69 -1.73 -10.66
C ARG B 105 23.13 -0.30 -10.95
N GLY B 106 22.97 0.12 -12.20
CA GLY B 106 23.23 1.50 -12.57
C GLY B 106 22.25 2.43 -11.90
N MET B 107 21.01 1.98 -11.80
CA MET B 107 19.95 2.75 -11.15
C MET B 107 20.22 2.90 -9.66
N TYR B 108 20.72 1.83 -9.05
CA TYR B 108 21.01 1.83 -7.62
C TYR B 108 22.20 2.74 -7.30
N GLU B 109 23.20 2.73 -8.18
CA GLU B 109 24.38 3.55 -7.96
C GLU B 109 24.06 5.04 -8.11
N PHE B 110 23.07 5.36 -8.94
CA PHE B 110 22.62 6.73 -9.06
C PHE B 110 22.00 7.19 -7.74
N LYS B 111 21.21 6.32 -7.12
CA LYS B 111 20.61 6.60 -5.82
C LYS B 111 21.69 6.91 -4.79
N GLN B 112 22.75 6.12 -4.81
CA GLN B 112 23.83 6.26 -3.84
C GLN B 112 24.80 7.38 -4.21
N LYS B 113 24.43 8.16 -5.21
CA LYS B 113 25.23 9.29 -5.68
C LYS B 113 26.62 8.86 -6.14
N ASN B 114 26.71 7.65 -6.69
CA ASN B 114 27.94 7.18 -7.31
C ASN B 114 27.79 7.28 -8.82
N PHE B 115 27.92 8.50 -9.33
CA PHE B 115 27.56 8.84 -10.70
C PHE B 115 28.43 8.18 -11.77
N ILE B 116 29.75 8.22 -11.58
CA ILE B 116 30.66 7.63 -12.56
C ILE B 116 30.42 6.12 -12.70
N LEU B 117 30.20 5.46 -11.56
CA LEU B 117 29.94 4.03 -11.56
C LEU B 117 28.59 3.73 -12.22
N ALA B 118 27.62 4.59 -11.98
CA ALA B 118 26.28 4.44 -12.56
C ALA B 118 26.33 4.52 -14.08
N ILE B 119 27.09 5.47 -14.59
CA ILE B 119 27.26 5.64 -16.04
C ILE B 119 27.90 4.42 -16.67
N ASP B 120 28.96 3.92 -16.03
CA ASP B 120 29.67 2.74 -16.51
C ASP B 120 28.72 1.55 -16.63
N HIS B 121 27.84 1.41 -15.65
CA HIS B 121 26.82 0.36 -15.68
C HIS B 121 25.83 0.59 -16.81
N TYR B 122 25.39 1.83 -16.96
CA TYR B 122 24.43 2.20 -18.01
C TYR B 122 24.99 1.92 -19.40
N LYS B 123 26.25 2.27 -19.62
CA LYS B 123 26.89 2.08 -20.92
C LYS B 123 27.01 0.61 -21.30
N HIS B 124 27.22 -0.24 -20.30
CA HIS B 124 27.28 -1.68 -20.52
C HIS B 124 25.89 -2.23 -20.82
N ALA B 125 24.88 -1.68 -20.17
CA ALA B 125 23.50 -2.07 -20.41
C ALA B 125 23.05 -1.61 -21.79
N GLU B 126 23.56 -0.47 -22.21
CA GLU B 126 23.22 0.12 -23.51
C GLU B 126 23.69 -0.76 -24.65
N GLU B 127 24.75 -1.53 -24.42
CA GLU B 127 25.28 -2.45 -25.42
C GLU B 127 24.29 -3.57 -25.72
N LYS B 128 23.40 -3.83 -24.77
CA LYS B 128 22.42 -4.90 -24.91
C LYS B 128 21.01 -4.35 -24.90
N LEU B 129 20.85 -3.13 -25.39
CA LEU B 129 19.56 -2.45 -25.39
C LEU B 129 18.59 -3.08 -26.39
N GLU B 130 19.11 -3.99 -27.21
CA GLU B 130 18.32 -4.69 -28.21
C GLU B 130 17.28 -5.60 -27.57
N TYR B 131 17.47 -5.92 -26.30
CA TYR B 131 16.55 -6.79 -25.57
C TYR B 131 15.33 -6.05 -25.03
N VAL B 132 15.31 -4.74 -25.25
CA VAL B 132 14.12 -3.93 -24.95
C VAL B 132 13.17 -4.02 -26.14
N GLU B 133 11.92 -4.37 -25.88
CA GLU B 133 10.99 -4.68 -26.96
C GLU B 133 10.16 -3.51 -27.47
N ASP B 134 9.91 -2.51 -26.63
CA ASP B 134 9.15 -1.34 -27.06
C ASP B 134 9.87 -0.03 -26.77
N GLU B 135 9.49 1.01 -27.51
CA GLU B 135 10.15 2.30 -27.43
C GLU B 135 9.91 3.01 -26.10
N ILE B 136 8.74 2.78 -25.50
CA ILE B 136 8.40 3.40 -24.23
C ILE B 136 9.33 2.93 -23.11
N GLU B 137 9.57 1.62 -23.08
CA GLU B 137 10.52 1.05 -22.12
C GLU B 137 11.91 1.58 -22.40
N LYS B 138 12.24 1.74 -23.68
CA LYS B 138 13.53 2.28 -24.09
C LYS B 138 13.68 3.74 -23.63
N ALA B 139 12.57 4.48 -23.70
CA ALA B 139 12.55 5.88 -23.29
C ALA B 139 12.95 6.07 -21.83
N GLU B 140 12.56 5.12 -20.98
CA GLU B 140 12.91 5.18 -19.57
C GLU B 140 14.42 5.05 -19.39
N PHE B 141 15.02 4.14 -20.15
CA PHE B 141 16.46 3.94 -20.10
C PHE B 141 17.19 5.21 -20.55
N LEU B 142 16.68 5.84 -21.60
CA LEU B 142 17.29 7.06 -22.14
C LEU B 142 17.23 8.20 -21.13
N PHE B 143 16.13 8.28 -20.38
CA PHE B 143 16.01 9.29 -19.35
C PHE B 143 17.03 9.08 -18.23
N LYS B 144 17.14 7.84 -17.76
CA LYS B 144 18.03 7.51 -16.65
C LYS B 144 19.49 7.85 -17.00
N VAL B 145 19.85 7.62 -18.27
CA VAL B 145 21.18 7.97 -18.75
C VAL B 145 21.35 9.49 -18.77
N ALA B 146 20.35 10.17 -19.31
CA ALA B 146 20.34 11.63 -19.35
C ALA B 146 20.38 12.22 -17.94
N GLU B 147 19.73 11.51 -17.01
CA GLU B 147 19.64 11.96 -15.62
C GLU B 147 21.01 11.97 -14.96
N VAL B 148 21.75 10.88 -15.08
CA VAL B 148 23.06 10.78 -14.43
C VAL B 148 24.09 11.69 -15.11
N TYR B 149 23.96 11.87 -16.43
CA TYR B 149 24.84 12.77 -17.16
C TYR B 149 24.64 14.21 -16.70
N TYR B 150 23.41 14.56 -16.34
CA TYR B 150 23.12 15.90 -15.85
C TYR B 150 23.81 16.17 -14.50
N HIS B 151 23.89 15.14 -13.67
CA HIS B 151 24.49 15.28 -12.35
C HIS B 151 26.01 15.37 -12.37
N ILE B 152 26.62 15.06 -13.51
CA ILE B 152 28.06 15.30 -13.67
C ILE B 152 28.31 16.44 -14.66
N LYS B 153 27.25 17.19 -14.95
CA LYS B 153 27.31 18.34 -15.85
C LYS B 153 27.82 17.99 -17.26
N GLN B 154 27.52 16.78 -17.70
CA GLN B 154 27.78 16.40 -19.09
C GLN B 154 26.58 16.86 -19.90
N THR B 155 26.55 18.16 -20.18
CA THR B 155 25.39 18.82 -20.77
C THR B 155 25.02 18.27 -22.14
N TYR B 156 26.04 18.04 -22.97
CA TYR B 156 25.83 17.59 -24.34
C TYR B 156 25.14 16.23 -24.40
N PHE B 157 25.72 15.23 -23.76
CA PHE B 157 25.15 13.89 -23.76
C PHE B 157 23.81 13.84 -23.03
N SER B 158 23.70 14.63 -21.97
CA SER B 158 22.45 14.66 -21.20
C SER B 158 21.29 15.19 -22.04
N MET B 159 21.55 16.26 -22.79
CA MET B 159 20.54 16.85 -23.67
C MET B 159 20.11 15.87 -24.76
N ASN B 160 21.09 15.19 -25.34
CA ASN B 160 20.82 14.23 -26.42
CA ASN B 160 20.83 14.24 -26.41
C ASN B 160 19.93 13.08 -25.96
N TYR B 161 20.26 12.49 -24.82
CA TYR B 161 19.48 11.38 -24.29
C TYR B 161 18.10 11.81 -23.82
N ALA B 162 18.02 12.98 -23.19
CA ALA B 162 16.76 13.50 -22.69
C ALA B 162 15.82 13.88 -23.83
N SER B 163 16.38 14.39 -24.92
CA SER B 163 15.59 14.76 -26.09
C SER B 163 15.02 13.53 -26.78
N GLN B 164 15.82 12.48 -26.89
CA GLN B 164 15.35 11.22 -27.47
C GLN B 164 14.20 10.66 -26.66
N ALA B 165 14.38 10.65 -25.34
CA ALA B 165 13.36 10.15 -24.43
C ALA B 165 12.07 10.97 -24.56
N LEU B 166 12.21 12.29 -24.53
CA LEU B 166 11.06 13.19 -24.59
C LEU B 166 10.28 13.04 -25.89
N ASP B 167 10.99 12.82 -26.99
CA ASP B 167 10.35 12.65 -28.28
C ASP B 167 9.48 11.39 -28.32
N ILE B 168 9.95 10.34 -27.66
CA ILE B 168 9.19 9.09 -27.60
C ILE B 168 7.89 9.29 -26.82
N TYR B 169 7.98 9.94 -25.67
CA TYR B 169 6.79 10.22 -24.86
C TYR B 169 5.81 11.12 -25.60
N THR B 170 6.35 12.11 -26.31
CA THR B 170 5.53 13.02 -27.11
C THR B 170 4.85 12.27 -28.26
N LYS B 171 5.61 11.38 -28.90
CA LYS B 171 5.11 10.62 -30.03
C LYS B 171 3.95 9.71 -29.64
N TYR B 172 4.07 9.08 -28.47
CA TYR B 172 3.06 8.14 -28.01
C TYR B 172 2.04 8.79 -27.08
N GLU B 173 2.12 10.11 -26.93
CA GLU B 173 1.21 10.88 -26.08
C GLU B 173 1.15 10.36 -24.66
N LEU B 174 2.29 9.91 -24.13
CA LEU B 174 2.37 9.42 -22.77
C LEU B 174 2.88 10.53 -21.85
N TYR B 175 1.94 11.20 -21.18
CA TYR B 175 2.27 12.31 -20.29
C TYR B 175 2.31 11.86 -18.83
N GLY B 176 3.32 11.07 -18.49
CA GLY B 176 3.46 10.55 -17.14
C GLY B 176 4.62 11.18 -16.39
N ARG B 177 5.04 10.52 -15.32
CA ARG B 177 6.13 11.01 -14.48
C ARG B 177 7.43 11.18 -15.27
N ARG B 178 7.75 10.19 -16.10
CA ARG B 178 8.99 10.20 -16.86
C ARG B 178 9.12 11.40 -17.80
N ARG B 179 8.02 11.76 -18.46
CA ARG B 179 8.05 12.90 -19.37
C ARG B 179 8.33 14.20 -18.64
N VAL B 180 7.68 14.40 -17.50
CA VAL B 180 7.92 15.58 -16.67
C VAL B 180 9.38 15.63 -16.25
N GLN B 181 9.92 14.47 -15.86
CA GLN B 181 11.32 14.38 -15.47
C GLN B 181 12.26 14.71 -16.62
N CYS B 182 11.88 14.34 -17.84
CA CYS B 182 12.67 14.69 -19.01
C CYS B 182 12.72 16.21 -19.18
N GLU B 183 11.60 16.87 -18.92
CA GLU B 183 11.53 18.32 -19.01
C GLU B 183 12.41 18.98 -17.97
N PHE B 184 12.45 18.40 -16.76
CA PHE B 184 13.32 18.88 -15.70
C PHE B 184 14.78 18.86 -16.13
N ILE B 185 15.20 17.73 -16.70
CA ILE B 185 16.58 17.53 -17.13
C ILE B 185 16.97 18.48 -18.25
N ILE B 186 16.11 18.63 -19.24
CA ILE B 186 16.37 19.56 -20.33
C ILE B 186 16.52 20.99 -19.81
N ALA B 187 15.63 21.37 -18.89
CA ALA B 187 15.68 22.69 -18.28
C ALA B 187 16.95 22.88 -17.46
N GLY B 188 17.32 21.84 -16.71
CA GLY B 188 18.53 21.86 -15.90
C GLY B 188 19.78 22.07 -16.75
N ASN B 189 19.83 21.37 -17.87
CA ASN B 189 20.95 21.52 -18.81
C ASN B 189 21.02 22.92 -19.39
N LEU B 190 19.86 23.47 -19.75
CA LEU B 190 19.78 24.81 -20.30
C LEU B 190 20.25 25.85 -19.29
N THR B 191 19.94 25.61 -18.02
CA THR B 191 20.39 26.48 -16.95
C THR B 191 21.91 26.41 -16.79
N ASP B 192 22.47 25.22 -16.99
CA ASP B 192 23.91 25.02 -16.91
C ASP B 192 24.67 25.78 -18.00
N VAL B 193 24.00 26.08 -19.10
CA VAL B 193 24.61 26.90 -20.15
C VAL B 193 24.02 28.31 -20.16
N TYR B 194 23.35 28.66 -19.05
CA TYR B 194 22.84 30.01 -18.83
C TYR B 194 21.79 30.46 -19.84
N HIS B 195 21.03 29.51 -20.37
CA HIS B 195 19.87 29.83 -21.20
C HIS B 195 18.63 29.80 -20.33
N HIS B 196 18.57 30.71 -19.37
CA HIS B 196 17.55 30.69 -18.32
C HIS B 196 16.13 30.82 -18.85
N GLU B 197 15.94 31.70 -19.83
CA GLU B 197 14.60 31.94 -20.37
C GLU B 197 14.04 30.70 -21.05
N LYS B 198 14.87 30.00 -21.82
CA LYS B 198 14.46 28.75 -22.44
C LYS B 198 14.16 27.71 -21.36
N ALA B 199 14.99 27.69 -20.32
CA ALA B 199 14.82 26.76 -19.22
C ALA B 199 13.51 26.99 -18.50
N LEU B 200 13.22 28.25 -18.21
CA LEU B 200 11.99 28.63 -17.52
C LEU B 200 10.74 28.22 -18.29
N THR B 201 10.79 28.35 -19.61
CA THR B 201 9.69 27.94 -20.47
C THR B 201 9.40 26.44 -20.31
N HIS B 202 10.46 25.64 -20.27
CA HIS B 202 10.31 24.20 -20.06
C HIS B 202 9.77 23.90 -18.67
N LEU B 203 10.27 24.60 -17.66
CA LEU B 203 9.88 24.36 -16.28
C LEU B 203 8.43 24.73 -16.02
N CYS B 204 7.97 25.79 -16.68
CA CYS B 204 6.59 26.21 -16.55
C CYS B 204 5.64 25.17 -17.16
N SER B 205 6.08 24.55 -18.25
CA SER B 205 5.33 23.46 -18.87
C SER B 205 5.38 22.21 -17.99
N ALA B 206 6.52 21.98 -17.36
CA ALA B 206 6.69 20.82 -16.50
C ALA B 206 5.86 20.93 -15.22
N LEU B 207 5.73 22.16 -14.70
CA LEU B 207 4.95 22.39 -13.50
C LEU B 207 3.48 22.10 -13.72
N GLU B 208 2.92 22.60 -14.81
CA GLU B 208 1.52 22.34 -15.13
C GLU B 208 1.29 20.86 -15.42
N HIS B 209 2.26 20.22 -16.04
CA HIS B 209 2.19 18.78 -16.29
C HIS B 209 2.25 17.99 -14.99
N ALA B 210 3.05 18.47 -14.04
CA ALA B 210 3.15 17.84 -12.74
C ALA B 210 1.83 17.96 -11.97
N ARG B 211 1.18 19.12 -12.09
CA ARG B 211 -0.11 19.34 -11.45
C ARG B 211 -1.18 18.44 -12.04
N GLN B 212 -1.09 18.18 -13.34
CA GLN B 212 -2.03 17.29 -14.01
C GLN B 212 -1.86 15.85 -13.53
N LEU B 213 -0.64 15.51 -13.12
CA LEU B 213 -0.35 14.19 -12.58
C LEU B 213 -0.86 14.05 -11.15
N GLU B 214 -1.10 15.20 -10.51
CA GLU B 214 -1.59 15.25 -9.13
C GLU B 214 -0.67 14.51 -8.15
N GLU B 215 0.62 14.48 -8.48
CA GLU B 215 1.61 13.85 -7.62
C GLU B 215 2.40 14.91 -6.87
N ALA B 216 2.30 14.89 -5.54
CA ALA B 216 2.94 15.89 -4.70
C ALA B 216 4.44 15.99 -4.92
N TYR B 217 5.10 14.84 -5.03
CA TYR B 217 6.54 14.78 -5.25
C TYR B 217 6.97 15.57 -6.48
N MET B 218 6.28 15.34 -7.59
CA MET B 218 6.62 15.98 -8.86
C MET B 218 6.28 17.47 -8.87
N ILE B 219 5.19 17.82 -8.21
CA ILE B 219 4.80 19.23 -8.08
C ILE B 219 5.83 19.98 -7.26
N ALA B 220 6.27 19.38 -6.16
CA ALA B 220 7.27 19.99 -5.29
C ALA B 220 8.61 20.11 -6.02
N ALA B 221 8.97 19.07 -6.76
CA ALA B 221 10.21 19.07 -7.53
C ALA B 221 10.18 20.16 -8.60
N ALA B 222 9.00 20.32 -9.22
CA ALA B 222 8.82 21.36 -10.23
C ALA B 222 9.02 22.75 -9.63
N TYR B 223 8.46 22.97 -8.44
CA TYR B 223 8.62 24.23 -7.75
C TYR B 223 10.08 24.50 -7.37
N TYR B 224 10.79 23.45 -6.93
CA TYR B 224 12.19 23.61 -6.59
C TYR B 224 13.01 24.02 -7.81
N ASN B 225 12.78 23.31 -8.92
CA ASN B 225 13.53 23.56 -10.14
C ASN B 225 13.33 24.97 -10.72
N VAL B 226 12.13 25.51 -10.56
CA VAL B 226 11.88 26.89 -10.96
C VAL B 226 12.70 27.82 -10.09
N GLY B 227 12.68 27.56 -8.77
CA GLY B 227 13.49 28.31 -7.84
C GLY B 227 14.97 28.18 -8.15
N HIS B 228 15.37 26.95 -8.47
CA HIS B 228 16.76 26.67 -8.85
C HIS B 228 17.15 27.47 -10.08
N CYS B 229 16.25 27.55 -11.05
CA CYS B 229 16.51 28.29 -12.28
C CYS B 229 16.60 29.79 -12.03
N LYS B 230 15.64 30.32 -11.27
CA LYS B 230 15.61 31.75 -10.98
C LYS B 230 16.79 32.16 -10.10
N TYR B 231 17.21 31.26 -9.21
CA TYR B 231 18.40 31.49 -8.39
C TYR B 231 19.63 31.66 -9.27
N SER B 232 19.77 30.80 -10.26
CA SER B 232 20.88 30.88 -11.21
C SER B 232 20.80 32.17 -12.02
N LEU B 233 19.58 32.59 -12.32
CA LEU B 233 19.34 33.82 -13.08
C LEU B 233 19.69 35.05 -12.25
N GLY B 234 19.56 34.93 -10.93
CA GLY B 234 19.85 36.04 -10.03
C GLY B 234 18.61 36.69 -9.47
N ASP B 235 17.45 36.11 -9.79
CA ASP B 235 16.18 36.60 -9.27
C ASP B 235 15.93 36.01 -7.89
N TYR B 236 16.68 36.49 -6.90
CA TYR B 236 16.68 35.90 -5.56
C TYR B 236 15.33 36.01 -4.85
N LYS B 237 14.66 37.14 -5.01
CA LYS B 237 13.37 37.37 -4.35
C LYS B 237 12.31 36.38 -4.82
N GLU B 238 12.24 36.16 -6.13
CA GLU B 238 11.29 35.21 -6.70
C GLU B 238 11.62 33.78 -6.30
N ALA B 239 12.91 33.45 -6.28
CA ALA B 239 13.35 32.09 -5.99
C ALA B 239 13.01 31.66 -4.55
N GLU B 240 12.88 32.63 -3.66
CA GLU B 240 12.52 32.37 -2.27
C GLU B 240 11.24 31.56 -2.14
N GLY B 241 10.16 32.08 -2.72
CA GLY B 241 8.85 31.46 -2.62
C GLY B 241 8.79 30.07 -3.22
N TYR B 242 9.53 29.86 -4.31
CA TYR B 242 9.55 28.56 -4.96
C TYR B 242 10.25 27.52 -4.08
N PHE B 243 11.33 27.94 -3.43
CA PHE B 243 12.05 27.06 -2.50
C PHE B 243 11.20 26.78 -1.27
N LYS B 244 10.51 27.79 -0.77
CA LYS B 244 9.63 27.63 0.39
C LYS B 244 8.47 26.70 0.09
N THR B 245 7.86 26.88 -1.07
CA THR B 245 6.72 26.05 -1.46
C THR B 245 7.14 24.58 -1.62
N ALA B 246 8.28 24.37 -2.27
CA ALA B 246 8.79 23.02 -2.48
C ALA B 246 9.14 22.35 -1.15
N ALA B 247 9.76 23.11 -0.25
CA ALA B 247 10.13 22.60 1.06
C ALA B 247 8.90 22.16 1.87
N ALA B 248 7.83 22.94 1.75
CA ALA B 248 6.59 22.65 2.48
C ALA B 248 5.92 21.37 1.98
N ILE B 249 5.86 21.21 0.66
CA ILE B 249 5.23 20.03 0.07
C ILE B 249 6.04 18.75 0.36
N PHE B 250 7.36 18.85 0.21
CA PHE B 250 8.24 17.72 0.48
C PHE B 250 8.17 17.27 1.95
N GLU B 251 8.11 18.23 2.87
CA GLU B 251 8.01 17.91 4.29
C GLU B 251 6.67 17.30 4.66
N GLU B 252 5.60 17.79 4.03
CA GLU B 252 4.26 17.33 4.34
C GLU B 252 4.04 15.89 3.89
N HIS B 253 4.78 15.48 2.87
CA HIS B 253 4.68 14.11 2.37
C HIS B 253 5.91 13.28 2.72
N ASN B 254 6.70 13.78 3.66
CA ASN B 254 7.85 13.06 4.20
C ASN B 254 8.86 12.58 3.16
N PHE B 255 9.29 13.49 2.28
CA PHE B 255 10.32 13.18 1.31
C PHE B 255 11.65 13.80 1.72
N GLN B 256 12.74 13.09 1.45
CA GLN B 256 14.08 13.54 1.83
C GLN B 256 14.51 14.77 1.03
N GLN B 257 13.82 15.02 -0.08
CA GLN B 257 14.11 16.19 -0.92
C GLN B 257 13.84 17.49 -0.18
N ALA B 258 13.12 17.40 0.94
CA ALA B 258 12.85 18.55 1.78
C ALA B 258 14.14 19.16 2.32
N VAL B 259 15.17 18.32 2.46
CA VAL B 259 16.46 18.77 2.96
C VAL B 259 17.12 19.72 1.97
N GLN B 260 17.22 19.29 0.72
CA GLN B 260 17.82 20.10 -0.33
C GLN B 260 17.07 21.42 -0.52
N ALA B 261 15.74 21.35 -0.47
CA ALA B 261 14.90 22.52 -0.65
C ALA B 261 15.16 23.58 0.41
N VAL B 262 15.27 23.16 1.68
CA VAL B 262 15.55 24.08 2.76
C VAL B 262 16.97 24.63 2.67
N PHE B 263 17.91 23.79 2.22
CA PHE B 263 19.28 24.22 2.02
C PHE B 263 19.38 25.37 1.03
N SER B 264 18.75 25.21 -0.12
CA SER B 264 18.74 26.25 -1.14
C SER B 264 18.05 27.51 -0.62
N LEU B 265 17.03 27.31 0.20
CA LEU B 265 16.33 28.43 0.83
C LEU B 265 17.26 29.16 1.79
N THR B 266 17.96 28.39 2.61
CA THR B 266 18.93 28.94 3.55
C THR B 266 20.04 29.69 2.82
N HIS B 267 20.54 29.07 1.75
CA HIS B 267 21.64 29.64 0.99
C HIS B 267 21.27 30.98 0.38
N ILE B 268 20.04 31.08 -0.13
CA ILE B 268 19.60 32.31 -0.78
C ILE B 268 19.33 33.44 0.22
N TYR B 269 18.85 33.08 1.41
CA TYR B 269 18.68 34.05 2.48
C TYR B 269 20.03 34.65 2.84
N CYS B 270 21.05 33.79 2.91
CA CYS B 270 22.42 34.22 3.19
C CYS B 270 22.92 35.20 2.14
N LYS B 271 22.68 34.88 0.87
CA LYS B 271 23.11 35.73 -0.23
C LYS B 271 22.45 37.10 -0.20
N GLU B 272 21.17 37.13 0.16
CA GLU B 272 20.43 38.38 0.22
C GLU B 272 20.77 39.19 1.48
N GLY B 273 21.45 38.56 2.42
CA GLY B 273 21.76 39.21 3.68
C GLY B 273 20.60 39.16 4.66
N LYS B 274 19.64 38.29 4.38
CA LYS B 274 18.50 38.09 5.29
C LYS B 274 18.88 37.08 6.35
N TYR B 275 19.75 37.50 7.27
CA TYR B 275 20.37 36.59 8.22
C TYR B 275 19.42 35.98 9.24
N ASP B 276 18.40 36.74 9.63
CA ASP B 276 17.41 36.23 10.58
C ASP B 276 16.63 35.06 10.00
N LYS B 277 16.19 35.19 8.75
CA LYS B 277 15.51 34.11 8.07
C LYS B 277 16.47 32.99 7.74
N ALA B 278 17.72 33.35 7.46
CA ALA B 278 18.75 32.37 7.17
C ALA B 278 19.00 31.48 8.38
N VAL B 279 19.10 32.09 9.55
CA VAL B 279 19.30 31.37 10.81
C VAL B 279 18.15 30.39 11.07
N GLU B 280 16.92 30.88 10.93
CA GLU B 280 15.74 30.04 11.14
C GLU B 280 15.70 28.88 10.15
N ALA B 281 16.04 29.16 8.90
CA ALA B 281 16.06 28.13 7.87
C ALA B 281 17.23 27.16 8.11
N TYR B 282 18.32 27.68 8.64
CA TYR B 282 19.48 26.86 8.96
C TYR B 282 19.15 25.83 10.04
N ASP B 283 18.58 26.28 11.15
CA ASP B 283 18.17 25.39 12.23
C ASP B 283 17.18 24.35 11.74
N ARG B 284 16.24 24.79 10.90
CA ARG B 284 15.23 23.91 10.31
C ARG B 284 15.89 22.86 9.42
N GLY B 285 16.92 23.27 8.68
CA GLY B 285 17.58 22.40 7.73
C GLY B 285 18.46 21.34 8.35
N ILE B 286 19.28 21.74 9.31
CA ILE B 286 20.20 20.79 9.96
C ILE B 286 19.44 19.77 10.79
N LYS B 287 18.28 20.16 11.30
CA LYS B 287 17.44 19.27 12.08
C LYS B 287 16.82 18.23 11.16
N SER B 288 16.37 18.68 9.99
CA SER B 288 15.79 17.79 8.99
C SER B 288 16.84 16.84 8.43
N ALA B 289 18.02 17.37 8.16
CA ALA B 289 19.12 16.57 7.63
C ALA B 289 19.57 15.51 8.63
N ALA B 290 19.51 15.85 9.92
CA ALA B 290 19.88 14.92 10.98
C ALA B 290 18.91 13.73 11.04
N GLU B 291 17.63 14.01 10.84
CA GLU B 291 16.61 12.97 10.85
C GLU B 291 16.80 12.00 9.69
N TRP B 292 17.20 12.54 8.54
CA TRP B 292 17.42 11.72 7.36
C TRP B 292 18.83 11.16 7.30
N GLU B 293 19.62 11.45 8.34
CA GLU B 293 21.00 11.00 8.42
C GLU B 293 21.81 11.44 7.20
N ASP B 294 21.50 12.63 6.70
CA ASP B 294 22.13 13.17 5.50
C ASP B 294 23.41 13.94 5.86
N ASP B 295 24.52 13.22 5.92
CA ASP B 295 25.80 13.79 6.34
C ASP B 295 26.32 14.86 5.37
N MET B 296 26.04 14.68 4.09
CA MET B 296 26.53 15.62 3.08
C MET B 296 25.85 16.98 3.14
N TYR B 297 24.56 17.00 3.42
CA TYR B 297 23.86 18.28 3.56
C TYR B 297 24.19 18.95 4.89
N LEU B 298 24.46 18.14 5.90
CA LEU B 298 24.96 18.66 7.17
C LEU B 298 26.28 19.39 6.93
N THR B 299 27.12 18.80 6.09
CA THR B 299 28.38 19.42 5.70
C THR B 299 28.14 20.70 4.90
N LYS B 300 27.17 20.65 3.99
CA LYS B 300 26.82 21.81 3.19
C LYS B 300 26.26 22.95 4.03
N PHE B 301 25.42 22.60 5.02
CA PHE B 301 24.89 23.59 5.95
C PHE B 301 26.01 24.20 6.78
N ARG B 302 26.96 23.37 7.17
CA ARG B 302 28.11 23.79 7.95
C ARG B 302 28.96 24.77 7.14
N LEU B 303 29.07 24.50 5.84
CA LEU B 303 29.86 25.31 4.94
C LEU B 303 29.30 26.72 4.80
N ILE B 304 28.04 26.83 4.39
CA ILE B 304 27.44 28.14 4.15
C ILE B 304 27.25 28.94 5.43
N HIS B 305 27.10 28.24 6.55
CA HIS B 305 27.00 28.93 7.84
C HIS B 305 28.31 29.62 8.17
N GLU B 306 29.41 28.90 7.97
CA GLU B 306 30.73 29.45 8.23
C GLU B 306 31.01 30.64 7.31
N LEU B 307 30.60 30.50 6.05
CA LEU B 307 30.85 31.51 5.04
C LEU B 307 30.01 32.77 5.22
N TYR B 308 28.77 32.61 5.66
CA TYR B 308 27.85 33.74 5.77
C TYR B 308 27.53 34.17 7.19
N LEU B 309 27.27 33.19 8.06
CA LEU B 309 26.81 33.47 9.41
C LEU B 309 27.92 33.29 10.45
N GLY B 310 29.08 32.83 10.01
CA GLY B 310 30.18 32.55 10.92
C GLY B 310 31.40 33.43 10.70
N SER B 311 32.56 32.94 11.14
CA SER B 311 33.80 33.70 11.05
C SER B 311 34.47 33.58 9.68
N GLY B 312 34.07 32.56 8.92
CA GLY B 312 34.66 32.31 7.63
C GLY B 312 36.03 31.64 7.75
N ASP B 313 36.15 30.77 8.74
CA ASP B 313 37.40 30.05 8.98
C ASP B 313 37.76 29.17 7.81
N LEU B 314 38.94 29.42 7.22
CA LEU B 314 39.37 28.74 6.01
C LEU B 314 39.56 27.23 6.22
N ASN B 315 40.00 26.84 7.41
CA ASN B 315 40.20 25.44 7.74
C ASN B 315 38.88 24.66 7.74
N VAL B 316 37.83 25.28 8.28
CA VAL B 316 36.51 24.67 8.30
C VAL B 316 35.96 24.51 6.89
N LEU B 317 36.12 25.56 6.08
CA LEU B 317 35.66 25.55 4.70
C LEU B 317 36.40 24.49 3.89
N THR B 318 37.72 24.45 4.05
CA THR B 318 38.55 23.46 3.36
C THR B 318 38.11 22.04 3.69
N GLU B 319 37.87 21.78 4.97
CA GLU B 319 37.44 20.46 5.42
C GLU B 319 36.09 20.09 4.81
N CYS B 320 35.18 21.05 4.74
CA CYS B 320 33.87 20.81 4.14
C CYS B 320 34.00 20.46 2.65
N PHE B 321 34.85 21.17 1.94
CA PHE B 321 35.07 20.91 0.52
C PHE B 321 35.80 19.57 0.31
N ASP B 322 36.70 19.25 1.23
CA ASP B 322 37.38 17.95 1.22
C ASP B 322 36.36 16.81 1.32
N LEU B 323 35.36 17.01 2.18
CA LEU B 323 34.31 16.01 2.37
C LEU B 323 33.47 15.83 1.10
N LEU B 324 33.05 16.95 0.51
CA LEU B 324 32.23 16.92 -0.69
C LEU B 324 32.97 16.23 -1.84
N GLU B 325 34.25 16.54 -1.99
CA GLU B 325 35.06 15.98 -3.05
C GLU B 325 35.32 14.49 -2.81
N SER B 326 35.46 14.09 -1.56
CA SER B 326 35.70 12.70 -1.22
C SER B 326 34.48 11.83 -1.53
N ARG B 327 33.31 12.46 -1.52
CA ARG B 327 32.08 11.76 -1.89
C ARG B 327 31.79 11.91 -3.37
N GLN B 328 32.71 12.54 -4.09
CA GLN B 328 32.60 12.76 -5.52
C GLN B 328 31.35 13.55 -5.93
N LEU B 329 30.98 14.53 -5.12
CA LEU B 329 29.90 15.45 -5.47
C LEU B 329 30.50 16.71 -6.08
N LEU B 330 31.11 16.54 -7.25
CA LEU B 330 31.90 17.61 -7.87
C LEU B 330 31.08 18.78 -8.37
N ALA B 331 29.89 18.50 -8.92
CA ALA B 331 29.02 19.56 -9.42
C ALA B 331 28.60 20.51 -8.30
N ASP B 332 28.21 19.94 -7.16
CA ASP B 332 27.82 20.73 -6.01
C ASP B 332 29.02 21.46 -5.43
N ALA B 333 30.16 20.79 -5.43
CA ALA B 333 31.40 21.38 -4.94
C ALA B 333 31.82 22.57 -5.80
N GLU B 334 31.60 22.46 -7.11
CA GLU B 334 31.93 23.54 -8.04
C GLU B 334 31.10 24.80 -7.75
N ASP B 335 29.79 24.60 -7.55
CA ASP B 335 28.90 25.70 -7.24
C ASP B 335 29.29 26.42 -5.94
N LEU B 336 29.52 25.63 -4.89
CA LEU B 336 29.85 26.20 -3.59
C LEU B 336 31.23 26.84 -3.56
N LEU B 337 32.15 26.32 -4.36
CA LEU B 337 33.48 26.91 -4.49
C LEU B 337 33.40 28.27 -5.16
N HIS B 338 32.65 28.34 -6.26
CA HIS B 338 32.43 29.59 -6.96
C HIS B 338 31.80 30.61 -6.03
N ASP B 339 30.80 30.18 -5.27
CA ASP B 339 30.13 31.05 -4.31
CA ASP B 339 30.13 31.04 -4.32
C ASP B 339 31.08 31.52 -3.22
N THR B 340 31.95 30.62 -2.76
CA THR B 340 32.91 30.95 -1.72
C THR B 340 33.96 31.93 -2.22
N ALA B 341 34.51 31.65 -3.39
CA ALA B 341 35.51 32.52 -4.02
C ALA B 341 34.97 33.92 -4.26
N GLU B 342 33.79 34.00 -4.86
CA GLU B 342 33.17 35.29 -5.17
C GLU B 342 32.84 36.06 -3.90
N ARG B 343 32.45 35.33 -2.86
CA ARG B 343 32.11 35.94 -1.57
C ARG B 343 33.31 36.65 -0.96
N PHE B 344 34.45 35.97 -0.93
CA PHE B 344 35.68 36.56 -0.40
C PHE B 344 36.17 37.69 -1.30
N ASN B 345 35.89 37.58 -2.59
CA ASN B 345 36.28 38.61 -3.55
C ASN B 345 35.48 39.89 -3.33
N GLN B 346 34.18 39.74 -3.08
CA GLN B 346 33.32 40.88 -2.81
C GLN B 346 33.68 41.54 -1.48
N LEU B 347 34.19 40.74 -0.54
CA LEU B 347 34.58 41.25 0.77
C LEU B 347 36.02 41.74 0.79
N GLU B 348 36.65 41.69 -0.39
CA GLU B 348 38.04 42.14 -0.56
C GLU B 348 39.05 41.36 0.29
N HIS B 349 38.71 40.12 0.60
CA HIS B 349 39.66 39.20 1.21
C HIS B 349 40.33 38.44 0.07
N TYR B 350 41.24 39.11 -0.62
CA TYR B 350 41.76 38.63 -1.89
C TYR B 350 42.58 37.34 -1.82
N GLU B 351 43.33 37.16 -0.74
CA GLU B 351 44.13 35.95 -0.58
C GLU B 351 43.22 34.72 -0.44
N SER B 352 42.18 34.86 0.35
CA SER B 352 41.21 33.78 0.53
C SER B 352 40.44 33.51 -0.75
N ALA B 353 40.12 34.58 -1.47
CA ALA B 353 39.41 34.45 -2.74
C ALA B 353 40.26 33.70 -3.75
N ALA B 354 41.53 34.09 -3.87
CA ALA B 354 42.44 33.44 -4.79
C ALA B 354 42.61 31.97 -4.44
N PHE B 355 42.63 31.68 -3.14
CA PHE B 355 42.75 30.30 -2.66
C PHE B 355 41.62 29.42 -3.18
N PHE B 356 40.39 29.91 -3.07
CA PHE B 356 39.22 29.13 -3.49
C PHE B 356 38.99 29.17 -4.99
N TYR B 357 39.51 30.20 -5.65
CA TYR B 357 39.45 30.26 -7.11
C TYR B 357 40.29 29.14 -7.72
N ARG B 358 41.42 28.84 -7.09
CA ARG B 358 42.31 27.78 -7.57
C ARG B 358 41.70 26.41 -7.34
N ARG B 359 41.06 26.22 -6.19
CA ARG B 359 40.38 24.95 -5.93
C ARG B 359 39.21 24.78 -6.87
N LEU B 360 38.59 25.90 -7.24
CA LEU B 360 37.52 25.90 -8.22
C LEU B 360 38.06 25.45 -9.58
N MET B 361 39.27 25.92 -9.92
CA MET B 361 39.95 25.51 -11.13
C MET B 361 40.19 24.01 -11.14
N ASN B 362 40.68 23.49 -10.02
CA ASN B 362 40.98 22.07 -9.88
C ASN B 362 39.74 21.19 -10.07
N ILE B 363 38.63 21.61 -9.48
CA ILE B 363 37.37 20.88 -9.58
C ILE B 363 36.81 20.91 -11.00
N LYS B 364 36.91 22.08 -11.64
CA LYS B 364 36.47 22.21 -13.03
C LYS B 364 37.29 21.31 -13.95
N LYS B 365 38.56 21.15 -13.62
CA LYS B 365 39.44 20.27 -14.39
C LYS B 365 39.02 18.81 -14.22
N LYS B 366 38.72 18.43 -12.99
CA LYS B 366 38.28 17.07 -12.69
C LYS B 366 36.93 16.76 -13.34
N LEU B 367 36.06 17.77 -13.36
CA LEU B 367 34.77 17.63 -14.02
C LEU B 367 34.95 17.41 -15.52
N ALA B 368 35.90 18.13 -16.10
CA ALA B 368 36.14 18.05 -17.53
C ALA B 368 36.79 16.74 -17.96
N GLU B 369 37.63 16.17 -17.09
CA GLU B 369 38.34 14.95 -17.44
C GLU B 369 37.49 13.70 -17.24
N GLN B 370 36.47 13.81 -16.40
CA GLN B 370 35.56 12.69 -16.16
C GLN B 370 34.60 12.47 -17.34
N ARG B 371 34.48 13.47 -18.20
CA ARG B 371 33.65 13.36 -19.39
C ARG B 371 34.51 12.91 -20.57
N GLU C 1 23.87 23.55 -6.56
CA GLU C 1 23.04 22.37 -6.42
C GLU C 1 22.49 21.89 -7.77
N ARG C 2 22.13 20.61 -7.83
CA ARG C 2 21.54 20.04 -9.04
C ARG C 2 20.02 20.10 -8.95
N GLY C 3 19.37 20.30 -10.10
CA GLY C 3 17.92 20.26 -10.16
C GLY C 3 17.39 18.89 -9.76
N MET C 4 16.12 18.83 -9.40
CA MET C 4 15.52 17.60 -8.92
C MET C 4 14.79 16.80 -10.01
N THR C 5 14.76 15.49 -9.84
CA THR C 5 13.94 14.61 -10.66
C THR C 5 13.21 13.60 -9.77
N GLU D 1 -15.01 -11.17 20.04
CA GLU D 1 -15.17 -11.13 18.59
C GLU D 1 -15.89 -12.38 18.08
N ARG D 2 -16.45 -12.28 16.88
CA ARG D 2 -17.11 -13.42 16.25
C ARG D 2 -16.11 -14.21 15.43
N GLY D 3 -16.33 -15.52 15.32
CA GLY D 3 -15.50 -16.36 14.48
C GLY D 3 -15.63 -15.98 13.02
N MET D 4 -14.64 -16.35 12.22
CA MET D 4 -14.63 -15.97 10.81
C MET D 4 -15.27 -17.00 9.89
N THR D 5 -15.83 -16.52 8.79
CA THR D 5 -16.25 -17.36 7.69
C THR D 5 -15.77 -16.76 6.38
CL CL E . -18.97 -24.93 -1.86
CL CL F . 5.81 7.66 -17.36
#